data_6FY4
#
_entry.id   6FY4
#
_cell.length_a   121.369
_cell.length_b   121.369
_cell.length_c   158.252
_cell.angle_alpha   90.00
_cell.angle_beta   90.00
_cell.angle_gamma   120.00
#
_symmetry.space_group_name_H-M   'P 31 1 2'
#
loop_
_entity.id
_entity.type
_entity.pdbx_description
1 polymer 'NAD(P)H dehydrogenase [quinone] 1'
2 non-polymer 'FLAVIN-ADENINE DINUCLEOTIDE'
3 non-polymer N-(2-bromophenyl)pyrrolidine-1-sulfonamide
#
_entity_poly.entity_id   1
_entity_poly.type   'polypeptide(L)'
_entity_poly.pdbx_seq_one_letter_code
;MVGRRALIVLAHSERTSFNYAMKEAAAAALKKKGWEVVESDLYAMNFNPIISRKDITGKLKDPANFQYPAESVLAYKEGH
LSPDIVAEQKKLEAADLVIFQFPLQWFGVPAILKGWFERVFIGEFAYTYAAMYDKGPFRSKKAVLSITTGGSGSMYSLQG
IHGDMNVILWPIQSGILHFCGFQVLEPQLTYSIGHTPADARIQILEGWKKRLENIWDETPLYFAPSSLFDLNFQAGFLMK
KEVQDEEKNKKFGLSVGHHLGKSIPTDNQIKARK
;
_entity_poly.pdbx_strand_id   A,B,C,D
#
# COMPACT_ATOMS: atom_id res chain seq x y z
N ARG A 4 -20.62 3.26 -22.82
CA ARG A 4 -19.22 2.80 -22.88
C ARG A 4 -18.46 3.23 -21.63
N ARG A 5 -17.55 2.36 -21.20
CA ARG A 5 -16.92 2.45 -19.90
C ARG A 5 -15.41 2.30 -20.10
N ALA A 6 -14.64 3.13 -19.40
CA ALA A 6 -13.19 3.11 -19.54
C ALA A 6 -12.52 2.94 -18.19
N LEU A 7 -11.33 2.36 -18.23
CA LEU A 7 -10.45 2.17 -17.08
C LEU A 7 -9.09 2.77 -17.41
N ILE A 8 -8.64 3.72 -16.61
CA ILE A 8 -7.30 4.28 -16.80
C ILE A 8 -6.47 3.81 -15.63
N VAL A 9 -5.39 3.08 -15.92
CA VAL A 9 -4.47 2.59 -14.91
C VAL A 9 -3.21 3.44 -15.02
N LEU A 10 -2.83 4.09 -13.92
CA LEU A 10 -1.70 5.02 -13.88
C LEU A 10 -0.65 4.49 -12.92
N ALA A 11 0.61 4.49 -13.35
CA ALA A 11 1.75 4.05 -12.54
C ALA A 11 2.73 5.21 -12.47
N HIS A 12 2.47 6.15 -11.57
CA HIS A 12 3.39 7.26 -11.32
C HIS A 12 3.15 7.77 -9.90
N SER A 13 4.24 8.09 -9.20
CA SER A 13 4.11 8.45 -7.79
C SER A 13 3.76 9.91 -7.51
N GLU A 14 3.94 10.84 -8.47
CA GLU A 14 3.85 12.28 -8.22
C GLU A 14 2.70 12.94 -8.99
N ARG A 15 1.88 13.68 -8.25
CA ARG A 15 0.75 14.41 -8.81
C ARG A 15 1.19 15.50 -9.77
N THR A 16 2.44 15.94 -9.65
CA THR A 16 3.04 16.96 -10.51
C THR A 16 3.56 16.41 -11.82
N SER A 17 3.37 15.14 -12.13
CA SER A 17 4.09 14.62 -13.29
C SER A 17 3.33 14.90 -14.56
N PHE A 18 4.06 14.86 -15.68
CA PHE A 18 3.35 14.90 -16.93
C PHE A 18 2.46 13.70 -17.08
N ASN A 19 2.86 12.56 -16.48
CA ASN A 19 2.05 11.36 -16.51
C ASN A 19 0.70 11.59 -15.85
N TYR A 20 0.68 12.20 -14.66
CA TYR A 20 -0.58 12.49 -13.99
C TYR A 20 -1.40 13.51 -14.77
N ALA A 21 -0.76 14.45 -15.47
CA ALA A 21 -1.51 15.36 -16.33
C ALA A 21 -2.11 14.63 -17.53
N MET A 22 -1.42 13.61 -18.07
CA MET A 22 -1.97 12.84 -19.19
C MET A 22 -3.16 12.00 -18.77
N LYS A 23 -3.14 11.44 -17.55
CA LYS A 23 -4.30 10.74 -17.02
C LYS A 23 -5.47 11.68 -16.85
N GLU A 24 -5.22 12.86 -16.28
CA GLU A 24 -6.27 13.85 -16.16
C GLU A 24 -6.78 14.31 -17.52
N ALA A 25 -5.88 14.53 -18.48
CA ALA A 25 -6.32 14.93 -19.82
C ALA A 25 -7.19 13.86 -20.46
N ALA A 26 -6.83 12.58 -20.27
CA ALA A 26 -7.60 11.50 -20.87
C ALA A 26 -8.96 11.36 -20.20
N ALA A 27 -8.99 11.43 -18.86
CA ALA A 27 -10.23 11.28 -18.13
C ALA A 27 -11.21 12.40 -18.46
N ALA A 28 -10.72 13.63 -18.63
CA ALA A 28 -11.60 14.75 -18.93
C ALA A 28 -12.26 14.57 -20.29
N ALA A 29 -11.46 14.27 -21.32
CA ALA A 29 -12.00 14.18 -22.67
C ALA A 29 -13.01 13.06 -22.78
N LEU A 30 -12.74 11.92 -22.12
CA LEU A 30 -13.64 10.78 -22.22
C LEU A 30 -14.96 11.08 -21.54
N LYS A 31 -14.91 11.72 -20.37
CA LYS A 31 -16.16 12.05 -19.70
C LYS A 31 -17.02 12.95 -20.57
N LYS A 32 -16.41 13.94 -21.22
CA LYS A 32 -17.19 14.89 -22.00
C LYS A 32 -17.86 14.24 -23.20
N LYS A 33 -17.43 13.05 -23.62
CA LYS A 33 -18.09 12.35 -24.72
C LYS A 33 -19.02 11.25 -24.23
N GLY A 34 -19.36 11.27 -22.95
CA GLY A 34 -20.29 10.31 -22.39
C GLY A 34 -19.69 9.02 -21.89
N TRP A 35 -18.38 8.89 -21.86
CA TRP A 35 -17.80 7.72 -21.24
C TRP A 35 -17.97 7.79 -19.73
N GLU A 36 -18.06 6.63 -19.11
CA GLU A 36 -17.93 6.52 -17.66
C GLU A 36 -16.52 6.06 -17.36
N VAL A 37 -15.82 6.79 -16.50
CA VAL A 37 -14.40 6.58 -16.27
C VAL A 37 -14.16 6.17 -14.82
N VAL A 38 -13.53 5.03 -14.64
CA VAL A 38 -13.00 4.59 -13.35
C VAL A 38 -11.49 4.53 -13.47
N GLU A 39 -10.81 4.84 -12.39
CA GLU A 39 -9.36 4.92 -12.43
C GLU A 39 -8.72 3.84 -11.56
N SER A 40 -7.50 3.47 -11.92
CA SER A 40 -6.64 2.62 -11.08
C SER A 40 -5.31 3.36 -10.98
N ASP A 41 -5.23 4.18 -9.94
CA ASP A 41 -4.04 4.97 -9.61
C ASP A 41 -3.21 4.16 -8.61
N LEU A 42 -2.28 3.35 -9.13
CA LEU A 42 -1.61 2.32 -8.34
C LEU A 42 -0.85 2.91 -7.13
N TYR A 43 -0.10 3.98 -7.33
CA TYR A 43 0.61 4.59 -6.19
C TYR A 43 -0.36 5.26 -5.24
N ALA A 44 -1.43 5.87 -5.77
CA ALA A 44 -2.43 6.45 -4.89
C ALA A 44 -3.17 5.37 -4.12
N MET A 45 -3.40 4.21 -4.74
CA MET A 45 -4.05 3.08 -4.08
C MET A 45 -3.11 2.33 -3.15
N ASN A 46 -1.83 2.68 -3.12
CA ASN A 46 -0.85 1.93 -2.34
C ASN A 46 -0.85 0.46 -2.78
N PHE A 47 -0.88 0.24 -4.11
CA PHE A 47 -1.08 -1.10 -4.64
C PHE A 47 0.10 -1.97 -4.25
N ASN A 48 -0.22 -3.17 -3.74
CA ASN A 48 0.76 -4.21 -3.46
C ASN A 48 1.01 -5.04 -4.73
N PRO A 49 2.25 -5.05 -5.27
CA PRO A 49 2.45 -5.67 -6.59
C PRO A 49 3.09 -7.05 -6.52
N ILE A 50 3.05 -7.73 -5.38
CA ILE A 50 3.89 -8.91 -5.17
C ILE A 50 3.01 -10.17 -5.08
N ILE A 51 3.11 -11.04 -6.11
CA ILE A 51 2.39 -12.30 -6.06
C ILE A 51 2.94 -13.13 -4.92
N SER A 52 2.04 -13.68 -4.12
CA SER A 52 2.40 -14.53 -3.00
C SER A 52 1.24 -15.48 -2.74
N ARG A 53 1.43 -16.39 -1.78
CA ARG A 53 0.33 -17.27 -1.39
C ARG A 53 -0.79 -16.52 -0.67
N LYS A 54 -0.54 -15.30 -0.18
CA LYS A 54 -1.61 -14.57 0.48
C LYS A 54 -2.58 -13.97 -0.52
N ASP A 55 -2.27 -14.08 -1.80
CA ASP A 55 -3.26 -13.81 -2.84
C ASP A 55 -4.41 -14.81 -2.78
N ILE A 56 -4.20 -16.00 -2.19
CA ILE A 56 -5.26 -16.98 -1.97
C ILE A 56 -5.73 -16.86 -0.53
N THR A 57 -7.04 -16.63 -0.36
CA THR A 57 -7.55 -16.24 0.95
C THR A 57 -7.58 -17.40 1.94
N GLY A 58 -8.10 -18.55 1.52
CA GLY A 58 -8.36 -19.65 2.46
C GLY A 58 -7.28 -20.71 2.51
N LYS A 59 -7.71 -21.96 2.62
CA LYS A 59 -6.79 -23.09 2.60
C LYS A 59 -6.37 -23.40 1.16
N LEU A 60 -5.14 -23.90 1.01
CA LEU A 60 -4.60 -24.33 -0.28
C LEU A 60 -4.83 -25.82 -0.53
N LYS A 61 -4.88 -26.19 -1.82
CA LYS A 61 -5.01 -27.60 -2.21
C LYS A 61 -3.77 -28.39 -1.82
N ASP A 62 -2.59 -27.91 -2.21
CA ASP A 62 -1.33 -28.61 -2.01
C ASP A 62 -0.35 -27.66 -1.32
N PRO A 63 -0.58 -27.34 -0.04
CA PRO A 63 0.25 -26.30 0.61
C PRO A 63 1.72 -26.66 0.67
N ALA A 64 2.06 -27.94 0.81
CA ALA A 64 3.44 -28.37 0.97
C ALA A 64 4.29 -28.12 -0.28
N ASN A 65 3.69 -28.03 -1.47
CA ASN A 65 4.42 -27.74 -2.72
C ASN A 65 3.67 -26.66 -3.51
N PHE A 66 3.78 -25.40 -3.08
CA PHE A 66 2.94 -24.36 -3.67
C PHE A 66 3.37 -24.02 -5.10
N GLN A 67 2.38 -23.97 -6.00
CA GLN A 67 2.56 -23.64 -7.40
C GLN A 67 1.49 -22.62 -7.75
N TYR A 68 1.90 -21.36 -7.91
CA TYR A 68 0.97 -20.24 -8.03
C TYR A 68 -0.02 -20.35 -9.19
N PRO A 69 0.37 -20.77 -10.41
CA PRO A 69 -0.64 -20.80 -11.49
C PRO A 69 -1.82 -21.72 -11.19
N ALA A 70 -1.57 -22.99 -10.87
CA ALA A 70 -2.66 -23.95 -10.62
C ALA A 70 -3.50 -23.54 -9.42
N GLU A 71 -2.87 -23.04 -8.35
CA GLU A 71 -3.66 -22.63 -7.19
C GLU A 71 -4.40 -21.32 -7.42
N SER A 72 -3.82 -20.35 -8.14
CA SER A 72 -4.51 -19.08 -8.33
C SER A 72 -5.73 -19.25 -9.24
N VAL A 73 -5.66 -20.17 -10.20
CA VAL A 73 -6.84 -20.47 -11.00
C VAL A 73 -7.94 -21.04 -10.12
N LEU A 74 -7.58 -21.98 -9.26
CA LEU A 74 -8.55 -22.60 -8.34
C LEU A 74 -9.19 -21.57 -7.41
N ALA A 75 -8.39 -20.67 -6.82
CA ALA A 75 -8.94 -19.63 -5.96
C ALA A 75 -9.92 -18.76 -6.72
N TYR A 76 -9.65 -18.56 -8.01
CA TYR A 76 -10.55 -17.79 -8.85
C TYR A 76 -11.82 -18.57 -9.14
N LYS A 77 -11.68 -19.86 -9.47
CA LYS A 77 -12.84 -20.71 -9.70
C LYS A 77 -13.66 -20.82 -8.42
N GLU A 78 -12.99 -20.86 -7.27
CA GLU A 78 -13.66 -20.96 -5.98
C GLU A 78 -14.15 -19.62 -5.48
N GLY A 79 -13.68 -18.51 -6.05
CA GLY A 79 -14.00 -17.23 -5.43
C GLY A 79 -13.25 -17.00 -4.13
N HIS A 80 -11.98 -17.42 -4.07
CA HIS A 80 -11.15 -17.22 -2.89
C HIS A 80 -9.92 -16.39 -3.22
N LEU A 81 -10.04 -15.48 -4.17
CA LEU A 81 -8.94 -14.55 -4.45
C LEU A 81 -8.97 -13.41 -3.45
N SER A 82 -7.79 -12.85 -3.20
CA SER A 82 -7.66 -11.75 -2.26
C SER A 82 -8.58 -10.61 -2.67
N PRO A 83 -9.33 -10.00 -1.74
CA PRO A 83 -10.32 -8.98 -2.12
C PRO A 83 -9.81 -7.82 -2.96
N ASP A 84 -8.59 -7.36 -2.70
CA ASP A 84 -8.02 -6.30 -3.51
C ASP A 84 -7.87 -6.73 -4.96
N ILE A 85 -7.53 -8.00 -5.21
CA ILE A 85 -7.42 -8.50 -6.58
C ILE A 85 -8.80 -8.52 -7.24
N VAL A 86 -9.85 -8.86 -6.48
CA VAL A 86 -11.19 -8.94 -7.06
C VAL A 86 -11.62 -7.55 -7.56
N ALA A 87 -11.41 -6.53 -6.73
CA ALA A 87 -11.80 -5.17 -7.11
C ALA A 87 -11.25 -4.81 -8.47
N GLU A 88 -9.99 -5.18 -8.72
CA GLU A 88 -9.35 -4.86 -10.00
C GLU A 88 -9.97 -5.64 -11.16
N GLN A 89 -10.19 -6.96 -10.96
CA GLN A 89 -10.81 -7.75 -12.02
C GLN A 89 -12.20 -7.21 -12.37
N LYS A 90 -12.96 -6.78 -11.35
CA LYS A 90 -14.28 -6.25 -11.62
C LYS A 90 -14.20 -5.03 -12.53
N LYS A 91 -13.18 -4.18 -12.33
CA LYS A 91 -12.98 -3.04 -13.21
C LYS A 91 -12.67 -3.50 -14.63
N LEU A 92 -11.92 -4.60 -14.76
CA LEU A 92 -11.59 -5.11 -16.08
C LEU A 92 -12.84 -5.63 -16.77
N GLU A 93 -13.65 -6.40 -16.05
CA GLU A 93 -14.90 -6.87 -16.62
C GLU A 93 -15.80 -5.70 -16.99
N ALA A 94 -15.81 -4.65 -16.18
CA ALA A 94 -16.69 -3.52 -16.47
C ALA A 94 -16.20 -2.70 -17.66
N ALA A 95 -14.89 -2.67 -17.92
CA ALA A 95 -14.32 -1.72 -18.87
C ALA A 95 -14.37 -2.21 -20.32
N ASP A 96 -14.69 -1.29 -21.22
CA ASP A 96 -14.62 -1.53 -22.66
C ASP A 96 -13.26 -1.13 -23.22
N LEU A 97 -12.77 0.05 -22.85
CA LEU A 97 -11.45 0.56 -23.20
C LEU A 97 -10.60 0.58 -21.93
N VAL A 98 -9.33 0.14 -22.06
CA VAL A 98 -8.38 0.18 -20.95
C VAL A 98 -7.17 1.01 -21.39
N ILE A 99 -6.87 2.05 -20.61
CA ILE A 99 -5.73 2.92 -20.88
C ILE A 99 -4.66 2.61 -19.86
N PHE A 100 -3.43 2.40 -20.33
CA PHE A 100 -2.28 2.23 -19.46
C PHE A 100 -1.39 3.45 -19.63
N GLN A 101 -1.38 4.34 -18.63
CA GLN A 101 -0.57 5.56 -18.63
C GLN A 101 0.63 5.36 -17.71
N PHE A 102 1.84 5.37 -18.27
CA PHE A 102 2.98 5.09 -17.40
C PHE A 102 4.26 5.64 -18.01
N PRO A 103 5.24 5.99 -17.19
CA PRO A 103 6.57 6.32 -17.69
C PRO A 103 7.39 5.07 -17.99
N LEU A 104 7.94 5.00 -19.21
CA LEU A 104 8.82 3.91 -19.58
C LEU A 104 9.97 3.80 -18.59
N GLN A 105 10.19 2.60 -18.07
CA GLN A 105 11.24 2.38 -17.11
C GLN A 105 11.98 1.09 -17.44
N TRP A 106 13.27 1.21 -17.69
CA TRP A 106 14.11 0.05 -18.01
C TRP A 106 13.50 -0.80 -19.11
N PHE A 107 13.00 -0.13 -20.15
CA PHE A 107 12.52 -0.72 -21.40
C PHE A 107 11.30 -1.60 -21.23
N GLY A 108 10.55 -1.37 -20.17
CA GLY A 108 9.26 -2.00 -19.99
C GLY A 108 8.40 -1.14 -19.08
N VAL A 109 7.37 -1.76 -18.52
CA VAL A 109 6.46 -1.09 -17.60
C VAL A 109 7.14 -0.99 -16.24
N PRO A 110 6.77 -0.02 -15.39
CA PRO A 110 7.29 0.01 -14.03
C PRO A 110 6.93 -1.25 -13.28
N ALA A 111 7.69 -1.54 -12.23
CA ALA A 111 7.40 -2.74 -11.46
C ALA A 111 5.97 -2.74 -10.93
N ILE A 112 5.47 -1.58 -10.47
CA ILE A 112 4.16 -1.66 -9.81
C ILE A 112 3.09 -2.01 -10.82
N LEU A 113 3.28 -1.63 -12.08
CA LEU A 113 2.38 -2.11 -13.12
C LEU A 113 2.71 -3.55 -13.53
N LYS A 114 3.98 -3.96 -13.46
CA LYS A 114 4.32 -5.35 -13.73
C LYS A 114 3.61 -6.30 -12.78
N GLY A 115 3.56 -5.94 -11.49
CA GLY A 115 2.86 -6.77 -10.52
C GLY A 115 1.36 -6.69 -10.65
N TRP A 116 0.82 -5.55 -11.04
CA TRP A 116 -0.60 -5.51 -11.29
C TRP A 116 -0.99 -6.64 -12.25
N PHE A 117 -0.31 -6.71 -13.40
CA PHE A 117 -0.61 -7.78 -14.35
C PHE A 117 -0.48 -9.15 -13.71
N GLU A 118 0.59 -9.39 -12.93
CA GLU A 118 0.87 -10.72 -12.39
C GLU A 118 -0.18 -11.13 -11.37
N ARG A 119 -0.68 -10.20 -10.56
CA ARG A 119 -1.71 -10.57 -9.59
C ARG A 119 -3.12 -10.46 -10.14
N VAL A 120 -3.31 -9.82 -11.29
CA VAL A 120 -4.64 -9.49 -11.75
C VAL A 120 -5.04 -10.30 -12.98
N PHE A 121 -4.14 -10.48 -13.95
CA PHE A 121 -4.41 -11.33 -15.10
C PHE A 121 -4.23 -12.80 -14.74
N ILE A 122 -5.12 -13.29 -13.87
CA ILE A 122 -5.08 -14.67 -13.38
C ILE A 122 -5.58 -15.62 -14.47
N GLY A 123 -5.09 -16.86 -14.41
CA GLY A 123 -5.50 -17.88 -15.36
C GLY A 123 -6.99 -18.10 -15.48
N GLU A 124 -7.43 -18.36 -16.71
CA GLU A 124 -8.84 -18.57 -17.08
C GLU A 124 -9.65 -17.27 -17.04
N PHE A 125 -9.39 -16.40 -16.06
CA PHE A 125 -10.00 -15.07 -16.05
C PHE A 125 -9.50 -14.21 -17.22
N ALA A 126 -8.21 -14.16 -17.43
CA ALA A 126 -7.71 -13.26 -18.46
C ALA A 126 -7.24 -13.99 -19.70
N TYR A 127 -6.81 -15.25 -19.56
CA TYR A 127 -6.30 -16.09 -20.64
C TYR A 127 -6.59 -17.54 -20.27
N THR A 128 -6.81 -18.38 -21.27
CA THR A 128 -6.84 -19.81 -21.05
C THR A 128 -5.98 -20.50 -22.09
N TYR A 129 -5.57 -21.71 -21.73
CA TYR A 129 -4.87 -22.55 -22.68
C TYR A 129 -5.76 -22.95 -23.85
N ALA A 130 -7.09 -22.90 -23.66
CA ALA A 130 -8.04 -23.19 -24.71
C ALA A 130 -8.37 -22.00 -25.61
N ALA A 131 -8.16 -20.76 -25.16
CA ALA A 131 -8.63 -19.60 -25.91
C ALA A 131 -7.62 -18.47 -25.68
N MET A 132 -6.60 -18.42 -26.52
CA MET A 132 -5.54 -17.45 -26.41
C MET A 132 -5.50 -16.60 -27.65
N TYR A 133 -5.02 -15.37 -27.49
CA TYR A 133 -4.99 -14.38 -28.57
C TYR A 133 -6.42 -14.17 -29.04
N ASP A 134 -6.75 -14.42 -30.32
CA ASP A 134 -8.03 -14.00 -30.89
C ASP A 134 -9.24 -14.58 -30.16
N LYS A 135 -9.07 -15.69 -29.45
CA LYS A 135 -10.19 -16.31 -28.74
C LYS A 135 -10.23 -15.94 -27.26
N GLY A 136 -9.36 -15.05 -26.79
CA GLY A 136 -9.21 -14.80 -25.37
C GLY A 136 -10.38 -14.11 -24.70
N PRO A 137 -10.42 -14.20 -23.36
CA PRO A 137 -11.55 -13.62 -22.58
C PRO A 137 -11.79 -12.12 -22.81
N PHE A 138 -10.79 -11.34 -23.20
CA PHE A 138 -10.95 -9.90 -23.38
C PHE A 138 -11.13 -9.52 -24.84
N ARG A 139 -11.57 -10.46 -25.68
CA ARG A 139 -11.59 -10.26 -27.13
C ARG A 139 -12.55 -9.19 -27.59
N SER A 140 -13.56 -8.84 -26.79
CA SER A 140 -14.45 -7.73 -27.12
C SER A 140 -14.03 -6.40 -26.54
N LYS A 141 -12.87 -6.34 -25.88
CA LYS A 141 -12.36 -5.14 -25.24
C LYS A 141 -11.19 -4.59 -26.03
N LYS A 142 -10.90 -3.31 -25.83
CA LYS A 142 -9.77 -2.63 -26.45
C LYS A 142 -8.87 -2.03 -25.37
N ALA A 143 -7.55 -2.08 -25.59
CA ALA A 143 -6.57 -1.57 -24.62
C ALA A 143 -5.50 -0.79 -25.36
N VAL A 144 -4.96 0.22 -24.68
CA VAL A 144 -4.02 1.16 -25.29
C VAL A 144 -2.92 1.51 -24.30
N LEU A 145 -1.69 1.62 -24.80
CA LEU A 145 -0.55 2.10 -24.02
C LEU A 145 -0.29 3.58 -24.27
N SER A 146 -0.07 4.33 -23.18
CA SER A 146 0.42 5.72 -23.21
C SER A 146 1.74 5.82 -22.44
N ILE A 147 2.83 6.04 -23.18
CA ILE A 147 4.19 5.91 -22.66
C ILE A 147 4.94 7.23 -22.76
N THR A 148 5.59 7.64 -21.68
CA THR A 148 6.51 8.79 -21.65
C THR A 148 7.93 8.30 -21.44
N THR A 149 8.85 8.76 -22.26
CA THR A 149 10.26 8.38 -22.18
C THR A 149 11.13 9.58 -21.87
N GLY A 150 12.24 9.31 -21.18
CA GLY A 150 13.30 10.30 -21.13
C GLY A 150 13.98 10.41 -22.48
N GLY A 151 14.24 9.26 -23.12
CA GLY A 151 15.00 9.26 -24.34
C GLY A 151 14.23 9.73 -25.55
N SER A 152 14.98 10.15 -26.55
CA SER A 152 14.37 10.79 -27.70
C SER A 152 13.86 9.75 -28.70
N GLY A 153 12.92 10.19 -29.54
CA GLY A 153 12.36 9.33 -30.55
C GLY A 153 13.38 8.78 -31.54
N SER A 154 14.45 9.56 -31.81
CA SER A 154 15.50 9.07 -32.71
C SER A 154 16.29 7.90 -32.10
N MET A 155 16.54 7.95 -30.79
CA MET A 155 17.26 6.85 -30.16
C MET A 155 16.56 5.51 -30.35
N TYR A 156 15.23 5.52 -30.45
CA TYR A 156 14.43 4.30 -30.54
C TYR A 156 13.99 3.98 -31.96
N SER A 157 14.56 4.64 -32.97
CA SER A 157 14.26 4.28 -34.34
C SER A 157 15.16 3.11 -34.77
N LEU A 158 14.97 2.64 -36.00
CA LEU A 158 15.74 1.49 -36.47
C LEU A 158 17.25 1.71 -36.37
N GLN A 159 17.71 2.93 -36.58
CA GLN A 159 19.14 3.24 -36.52
C GLN A 159 19.53 3.85 -35.17
N GLY A 160 18.59 3.97 -34.23
CA GLY A 160 18.91 4.56 -32.96
C GLY A 160 19.73 3.61 -32.09
N ILE A 161 20.47 4.21 -31.16
CA ILE A 161 21.35 3.40 -30.31
C ILE A 161 20.54 2.38 -29.52
N HIS A 162 19.28 2.67 -29.22
CA HIS A 162 18.50 1.76 -28.41
C HIS A 162 17.84 0.65 -29.22
N GLY A 163 17.72 0.83 -30.54
CA GLY A 163 17.07 -0.14 -31.39
C GLY A 163 15.57 0.10 -31.50
N ASP A 164 14.97 -0.59 -32.48
CA ASP A 164 13.58 -0.38 -32.86
C ASP A 164 12.66 -0.36 -31.64
N MET A 165 11.76 0.63 -31.62
CA MET A 165 10.78 0.72 -30.53
C MET A 165 9.74 -0.38 -30.63
N ASN A 166 9.47 -0.87 -31.85
CA ASN A 166 8.49 -1.93 -32.04
C ASN A 166 8.88 -3.21 -31.31
N VAL A 167 10.19 -3.49 -31.23
CA VAL A 167 10.67 -4.70 -30.57
C VAL A 167 10.54 -4.59 -29.06
N ILE A 168 10.58 -3.37 -28.52
CA ILE A 168 10.39 -3.19 -27.09
C ILE A 168 8.91 -3.24 -26.72
N LEU A 169 8.03 -2.92 -27.68
CA LEU A 169 6.58 -2.97 -27.50
C LEU A 169 6.03 -4.38 -27.64
N TRP A 170 6.77 -5.27 -28.33
CA TRP A 170 6.25 -6.61 -28.60
C TRP A 170 5.95 -7.45 -27.37
N PRO A 171 6.78 -7.50 -26.32
CA PRO A 171 6.39 -8.30 -25.16
C PRO A 171 5.11 -7.86 -24.49
N ILE A 172 4.79 -6.57 -24.49
CA ILE A 172 3.65 -6.07 -23.72
C ILE A 172 2.37 -6.13 -24.55
N GLN A 173 2.41 -5.57 -25.76
CA GLN A 173 1.21 -5.48 -26.57
C GLN A 173 0.79 -6.86 -27.11
N SER A 174 1.76 -7.75 -27.36
CA SER A 174 1.40 -9.10 -27.79
C SER A 174 1.32 -10.07 -26.60
N GLY A 175 2.37 -10.17 -25.81
CA GLY A 175 2.39 -11.17 -24.78
C GLY A 175 1.43 -10.89 -23.62
N ILE A 176 1.32 -9.65 -23.19
CA ILE A 176 0.43 -9.41 -22.05
C ILE A 176 -0.97 -9.02 -22.52
N LEU A 177 -1.09 -8.09 -23.45
CA LEU A 177 -2.40 -7.56 -23.81
C LEU A 177 -3.12 -8.48 -24.81
N HIS A 178 -2.52 -8.72 -25.98
CA HIS A 178 -3.23 -9.47 -27.00
C HIS A 178 -3.45 -10.92 -26.60
N PHE A 179 -2.50 -11.50 -25.85
CA PHE A 179 -2.65 -12.87 -25.37
C PHE A 179 -3.92 -13.04 -24.56
N CYS A 180 -4.26 -12.04 -23.78
CA CYS A 180 -5.51 -12.10 -23.03
C CYS A 180 -6.71 -11.80 -23.89
N GLY A 181 -6.51 -11.51 -25.17
CA GLY A 181 -7.57 -11.29 -26.12
C GLY A 181 -7.77 -9.84 -26.52
N PHE A 182 -7.13 -8.88 -25.86
CA PHE A 182 -7.34 -7.47 -26.16
C PHE A 182 -7.05 -7.20 -27.63
N GLN A 183 -7.86 -6.34 -28.23
CA GLN A 183 -7.47 -5.69 -29.46
C GLN A 183 -6.66 -4.49 -29.03
N VAL A 184 -5.39 -4.46 -29.41
CA VAL A 184 -4.50 -3.39 -28.98
C VAL A 184 -4.50 -2.26 -30.02
N LEU A 185 -4.79 -1.04 -29.57
CA LEU A 185 -4.74 0.14 -30.44
C LEU A 185 -3.34 0.75 -30.44
N GLU A 186 -3.10 1.60 -31.45
CA GLU A 186 -1.80 2.24 -31.63
C GLU A 186 -1.36 2.87 -30.31
N PRO A 187 -0.14 2.63 -29.86
CA PRO A 187 0.31 3.26 -28.61
C PRO A 187 0.46 4.76 -28.83
N GLN A 188 0.34 5.51 -27.74
CA GLN A 188 0.59 6.95 -27.73
C GLN A 188 2.01 7.16 -27.21
N LEU A 189 2.91 7.54 -28.12
CA LEU A 189 4.33 7.64 -27.82
C LEU A 189 4.76 9.11 -27.71
N THR A 190 5.11 9.52 -26.50
CA THR A 190 5.56 10.88 -26.21
C THR A 190 7.02 10.83 -25.79
N TYR A 191 7.91 10.97 -26.75
CA TYR A 191 9.33 10.88 -26.39
C TYR A 191 9.79 12.21 -25.80
N SER A 192 10.90 12.14 -25.05
CA SER A 192 11.62 13.32 -24.60
C SER A 192 10.75 14.22 -23.73
N ILE A 193 9.88 13.63 -22.93
CA ILE A 193 8.97 14.47 -22.15
C ILE A 193 9.71 15.40 -21.21
N GLY A 194 10.91 15.00 -20.77
CA GLY A 194 11.67 15.78 -19.80
C GLY A 194 12.40 16.97 -20.38
N HIS A 195 12.51 17.00 -21.71
CA HIS A 195 13.08 18.09 -22.50
C HIS A 195 12.09 18.72 -23.49
N THR A 196 10.85 18.97 -23.08
CA THR A 196 9.83 19.46 -24.02
C THR A 196 9.24 20.80 -23.59
N PRO A 197 9.16 21.77 -24.49
CA PRO A 197 8.73 23.13 -24.11
C PRO A 197 7.25 23.22 -23.71
N ALA A 198 6.94 24.20 -22.86
CA ALA A 198 5.60 24.31 -22.27
C ALA A 198 4.49 24.43 -23.32
N ASP A 199 4.75 25.06 -24.46
CA ASP A 199 3.72 25.12 -25.49
C ASP A 199 3.64 23.83 -26.29
N ALA A 200 4.72 23.05 -26.33
CA ALA A 200 4.66 21.71 -26.89
C ALA A 200 4.11 20.69 -25.90
N ARG A 201 4.34 20.89 -24.59
CA ARG A 201 3.67 20.05 -23.61
C ARG A 201 2.16 20.19 -23.71
N ILE A 202 1.70 21.42 -23.97
CA ILE A 202 0.26 21.64 -24.17
C ILE A 202 -0.23 20.94 -25.41
N GLN A 203 0.53 20.98 -26.52
CA GLN A 203 0.02 20.35 -27.74
C GLN A 203 -0.04 18.84 -27.60
N ILE A 204 0.88 18.26 -26.82
CA ILE A 204 0.84 16.82 -26.58
C ILE A 204 -0.43 16.46 -25.81
N LEU A 205 -0.75 17.24 -24.77
CA LEU A 205 -1.95 16.99 -24.00
C LEU A 205 -3.21 17.18 -24.82
N GLU A 206 -3.25 18.20 -25.68
CA GLU A 206 -4.44 18.46 -26.45
C GLU A 206 -4.63 17.42 -27.56
N GLY A 207 -3.54 17.04 -28.23
CA GLY A 207 -3.64 16.02 -29.26
C GLY A 207 -4.12 14.69 -28.72
N TRP A 208 -3.70 14.33 -27.50
CA TRP A 208 -4.18 13.10 -26.87
C TRP A 208 -5.66 13.17 -26.60
N LYS A 209 -6.16 14.32 -26.14
CA LYS A 209 -7.59 14.47 -25.92
C LYS A 209 -8.35 14.35 -27.24
N LYS A 210 -7.78 14.90 -28.31
CA LYS A 210 -8.44 14.90 -29.60
C LYS A 210 -8.56 13.48 -30.15
N ARG A 211 -7.51 12.66 -29.99
CA ARG A 211 -7.56 11.28 -30.45
C ARG A 211 -8.62 10.47 -29.68
N LEU A 212 -8.82 10.80 -28.40
CA LEU A 212 -9.80 10.09 -27.60
C LEU A 212 -11.24 10.36 -28.05
N GLU A 213 -11.49 11.46 -28.78
CA GLU A 213 -12.85 11.77 -29.18
C GLU A 213 -13.47 10.70 -30.08
N ASN A 214 -12.67 9.83 -30.69
CA ASN A 214 -13.19 8.74 -31.51
C ASN A 214 -12.34 7.49 -31.39
N ILE A 215 -11.81 7.22 -30.19
CA ILE A 215 -10.81 6.17 -30.05
C ILE A 215 -11.39 4.81 -30.42
N TRP A 216 -12.67 4.59 -30.09
CA TRP A 216 -13.29 3.29 -30.28
C TRP A 216 -13.44 2.93 -31.76
N ASP A 217 -13.28 3.88 -32.66
CA ASP A 217 -13.40 3.65 -34.08
C ASP A 217 -12.06 3.41 -34.80
N GLU A 218 -10.95 3.34 -34.06
CA GLU A 218 -9.66 3.15 -34.73
C GLU A 218 -9.44 1.68 -35.06
N THR A 219 -8.71 1.43 -36.15
CA THR A 219 -8.28 0.08 -36.48
C THR A 219 -7.22 -0.35 -35.49
N PRO A 220 -7.30 -1.55 -34.92
CA PRO A 220 -6.24 -2.06 -34.04
C PRO A 220 -5.01 -2.52 -34.81
N LEU A 221 -3.92 -2.64 -34.05
CA LEU A 221 -2.65 -3.17 -34.58
C LEU A 221 -2.82 -4.57 -35.16
N TYR A 222 -1.95 -4.92 -36.12
CA TYR A 222 -2.02 -6.22 -36.79
C TYR A 222 -1.18 -7.24 -36.04
N PHE A 223 -1.79 -8.38 -35.72
CA PHE A 223 -1.11 -9.53 -35.16
C PHE A 223 -1.47 -10.76 -35.98
N ALA A 224 -0.58 -11.74 -35.98
CA ALA A 224 -0.87 -12.99 -36.68
C ALA A 224 -2.02 -13.69 -35.97
N PRO A 225 -3.15 -13.93 -36.66
CA PRO A 225 -4.30 -14.58 -35.98
C PRO A 225 -4.01 -16.05 -35.66
N SER A 226 -4.56 -16.51 -34.53
CA SER A 226 -4.26 -17.86 -34.06
C SER A 226 -4.70 -18.96 -35.03
N SER A 227 -5.63 -18.66 -35.93
CA SER A 227 -6.09 -19.65 -36.91
C SER A 227 -4.99 -20.07 -37.88
N LEU A 228 -3.85 -19.38 -37.93
CA LEU A 228 -2.74 -19.78 -38.79
C LEU A 228 -1.92 -20.91 -38.17
N PHE A 229 -2.36 -21.42 -37.01
CA PHE A 229 -1.59 -22.28 -36.14
C PHE A 229 -2.39 -23.50 -35.76
N ASP A 230 -1.68 -24.59 -35.43
CA ASP A 230 -2.24 -25.79 -34.81
C ASP A 230 -2.12 -25.69 -33.29
N LEU A 231 -3.17 -25.18 -32.63
CA LEU A 231 -3.07 -24.81 -31.22
C LEU A 231 -3.33 -26.00 -30.30
N ASN A 232 -2.41 -26.97 -30.34
CA ASN A 232 -2.58 -28.16 -29.53
C ASN A 232 -1.24 -28.68 -29.03
N PHE A 233 -1.32 -29.43 -27.92
CA PHE A 233 -0.12 -29.94 -27.26
C PHE A 233 0.63 -30.92 -28.14
N GLN A 234 -0.02 -31.45 -29.17
CA GLN A 234 0.49 -32.48 -30.07
C GLN A 234 1.25 -31.94 -31.28
N ALA A 235 0.91 -30.77 -31.79
CA ALA A 235 1.66 -30.11 -32.84
C ALA A 235 2.60 -29.01 -32.34
N GLY A 236 2.69 -28.80 -31.03
CA GLY A 236 3.59 -27.80 -30.47
C GLY A 236 3.18 -26.35 -30.65
N PHE A 237 1.90 -26.10 -30.94
CA PHE A 237 1.38 -24.75 -31.16
C PHE A 237 2.12 -24.05 -32.28
N LEU A 238 2.63 -24.81 -33.22
CA LEU A 238 3.35 -24.28 -34.37
C LEU A 238 2.37 -23.92 -35.47
N MET A 239 2.86 -23.20 -36.46
CA MET A 239 2.04 -22.78 -37.60
C MET A 239 1.48 -23.99 -38.35
N LYS A 240 0.33 -23.81 -38.98
CA LYS A 240 -0.20 -24.84 -39.85
C LYS A 240 0.75 -25.06 -41.02
N LYS A 241 0.90 -26.32 -41.41
CA LYS A 241 1.80 -26.64 -42.51
C LYS A 241 1.44 -25.86 -43.75
N GLU A 242 0.14 -25.65 -43.95
CA GLU A 242 -0.33 -24.87 -45.08
C GLU A 242 0.15 -23.43 -45.00
N VAL A 243 0.04 -22.81 -43.81
CA VAL A 243 0.55 -21.47 -43.60
C VAL A 243 2.06 -21.44 -43.77
N GLN A 244 2.75 -22.46 -43.24
CA GLN A 244 4.20 -22.52 -43.36
C GLN A 244 4.65 -22.58 -44.81
N ASP A 245 3.90 -23.31 -45.64
CA ASP A 245 4.25 -23.37 -47.06
C ASP A 245 4.00 -22.02 -47.72
N GLU A 246 2.83 -21.43 -47.46
CA GLU A 246 2.42 -20.18 -48.09
C GLU A 246 3.26 -18.99 -47.65
N GLU A 247 4.08 -19.11 -46.59
CA GLU A 247 4.96 -18.04 -46.17
C GLU A 247 6.37 -18.18 -46.74
N LYS A 248 6.74 -19.36 -47.19
CA LYS A 248 8.12 -19.59 -47.64
C LYS A 248 8.52 -18.66 -48.78
N ASN A 249 7.56 -18.10 -49.52
CA ASN A 249 7.88 -17.21 -50.62
C ASN A 249 7.61 -15.76 -50.28
N LYS A 250 7.33 -15.47 -49.03
CA LYS A 250 7.04 -14.10 -48.65
C LYS A 250 8.31 -13.38 -48.20
N LYS A 251 8.44 -12.13 -48.64
CA LYS A 251 9.59 -11.31 -48.31
C LYS A 251 9.51 -10.85 -46.87
N PHE A 252 8.31 -10.47 -46.43
CA PHE A 252 8.12 -9.92 -45.10
C PHE A 252 7.52 -10.96 -44.15
N GLY A 253 7.79 -10.78 -42.86
CA GLY A 253 7.14 -11.56 -41.84
C GLY A 253 5.77 -11.04 -41.58
N LEU A 254 5.09 -11.66 -40.63
CA LEU A 254 3.74 -11.22 -40.30
C LEU A 254 3.73 -10.13 -39.24
N SER A 255 4.50 -10.34 -38.19
CA SER A 255 4.43 -9.53 -37.01
C SER A 255 5.84 -9.30 -36.53
N VAL A 256 6.01 -8.77 -35.32
CA VAL A 256 7.37 -8.62 -34.79
C VAL A 256 7.86 -9.92 -34.20
N GLY A 257 7.10 -10.51 -33.28
CA GLY A 257 7.50 -11.79 -32.75
C GLY A 257 7.39 -12.87 -33.79
N HIS A 258 6.50 -12.69 -34.77
CA HIS A 258 6.35 -13.64 -35.85
C HIS A 258 6.98 -13.11 -37.12
N HIS A 259 8.24 -12.72 -36.99
CA HIS A 259 9.00 -12.22 -38.13
C HIS A 259 9.50 -13.34 -39.04
N LEU A 260 9.53 -14.59 -38.52
CA LEU A 260 9.90 -15.78 -39.28
C LEU A 260 11.27 -15.65 -39.94
N GLY A 261 12.17 -14.89 -39.33
CA GLY A 261 13.45 -14.67 -39.98
C GLY A 261 13.37 -13.85 -41.24
N LYS A 262 12.30 -13.08 -41.44
CA LYS A 262 12.13 -12.23 -42.61
C LYS A 262 12.10 -10.77 -42.16
N SER A 263 11.98 -9.86 -43.13
CA SER A 263 11.89 -8.45 -42.80
C SER A 263 10.60 -8.18 -42.02
N ILE A 264 10.72 -7.49 -40.89
CA ILE A 264 9.54 -7.13 -40.10
C ILE A 264 8.77 -6.04 -40.83
N PRO A 265 7.45 -6.13 -40.95
CA PRO A 265 6.69 -5.00 -41.50
C PRO A 265 6.91 -3.75 -40.67
N THR A 266 7.05 -2.63 -41.37
CA THR A 266 7.40 -1.36 -40.75
C THR A 266 6.33 -0.89 -39.76
N ASP A 267 6.77 -0.60 -38.53
CA ASP A 267 5.90 -0.09 -37.46
C ASP A 267 4.72 -1.02 -37.17
N ASN A 268 5.01 -2.31 -37.10
CA ASN A 268 3.93 -3.28 -36.83
C ASN A 268 3.30 -3.08 -35.47
N GLN A 269 4.11 -2.76 -34.45
CA GLN A 269 3.64 -2.58 -33.09
C GLN A 269 3.30 -1.15 -32.74
N ILE A 270 3.36 -0.24 -33.71
CA ILE A 270 3.19 1.18 -33.47
C ILE A 270 2.09 1.76 -34.35
N LYS A 271 2.09 1.42 -35.63
CA LYS A 271 1.09 1.87 -36.57
C LYS A 271 0.22 0.70 -37.01
N ALA A 272 -1.07 0.93 -37.13
CA ALA A 272 -1.95 -0.02 -37.79
C ALA A 272 -1.97 0.23 -39.30
N ARG A 273 -2.61 -0.67 -40.04
CA ARG A 273 -2.86 -0.40 -41.46
C ARG A 273 -4.29 -0.78 -41.80
N ARG B 4 37.58 -15.73 -8.49
CA ARG B 4 36.59 -14.71 -8.82
C ARG B 4 35.43 -14.74 -7.82
N ARG B 5 34.38 -13.98 -8.09
CA ARG B 5 33.23 -13.94 -7.21
C ARG B 5 31.99 -13.60 -8.03
N ALA B 6 30.89 -14.28 -7.72
CA ALA B 6 29.63 -14.14 -8.46
C ALA B 6 28.48 -13.70 -7.53
N LEU B 7 27.47 -13.07 -8.15
CA LEU B 7 26.27 -12.66 -7.47
C LEU B 7 25.08 -13.36 -8.11
N ILE B 8 24.32 -14.10 -7.30
CA ILE B 8 23.13 -14.83 -7.75
C ILE B 8 21.88 -14.14 -7.22
N VAL B 9 21.06 -13.65 -8.14
CA VAL B 9 19.79 -12.99 -7.81
C VAL B 9 18.66 -13.94 -8.20
N LEU B 10 17.84 -14.30 -7.22
CA LEU B 10 16.74 -15.23 -7.40
C LEU B 10 15.42 -14.54 -7.07
N ALA B 11 14.42 -14.75 -7.93
CA ALA B 11 13.10 -14.17 -7.76
C ALA B 11 12.09 -15.31 -7.66
N HIS B 12 11.94 -15.89 -6.46
CA HIS B 12 10.90 -16.91 -6.32
C HIS B 12 10.49 -17.01 -4.87
N SER B 13 9.19 -17.15 -4.65
CA SER B 13 8.64 -17.13 -3.30
C SER B 13 8.77 -18.47 -2.59
N GLU B 14 9.08 -19.55 -3.31
CA GLU B 14 9.06 -20.90 -2.72
C GLU B 14 10.45 -21.53 -2.76
N ARG B 15 10.93 -21.94 -1.57
CA ARG B 15 12.14 -22.76 -1.48
C ARG B 15 11.94 -24.12 -2.14
N THR B 16 10.70 -24.53 -2.34
CA THR B 16 10.48 -25.83 -2.92
C THR B 16 10.57 -25.84 -4.44
N SER B 17 10.84 -24.70 -5.07
CA SER B 17 10.69 -24.64 -6.51
C SER B 17 11.97 -25.07 -7.21
N PHE B 18 11.82 -25.42 -8.48
CA PHE B 18 12.97 -25.72 -9.32
C PHE B 18 13.87 -24.51 -9.49
N ASN B 19 13.28 -23.30 -9.46
CA ASN B 19 14.09 -22.08 -9.52
C ASN B 19 15.02 -21.99 -8.33
N TYR B 20 14.51 -22.22 -7.12
CA TYR B 20 15.40 -22.24 -5.97
C TYR B 20 16.35 -23.45 -6.02
N ALA B 21 15.90 -24.57 -6.59
CA ALA B 21 16.80 -25.70 -6.81
C ALA B 21 17.85 -25.37 -7.86
N MET B 22 17.51 -24.57 -8.86
CA MET B 22 18.53 -24.14 -9.82
C MET B 22 19.52 -23.17 -9.17
N LYS B 23 19.07 -22.35 -8.21
CA LYS B 23 19.98 -21.50 -7.46
C LYS B 23 20.94 -22.33 -6.60
N GLU B 24 20.42 -23.36 -5.92
CA GLU B 24 21.27 -24.20 -5.08
C GLU B 24 22.38 -24.87 -5.88
N ALA B 25 22.03 -25.41 -7.06
CA ALA B 25 23.02 -26.04 -7.93
C ALA B 25 24.06 -25.03 -8.42
N ALA B 26 23.62 -23.82 -8.79
CA ALA B 26 24.56 -22.82 -9.28
C ALA B 26 25.49 -22.36 -8.17
N ALA B 27 24.93 -22.14 -6.96
CA ALA B 27 25.75 -21.74 -5.82
C ALA B 27 26.75 -22.82 -5.46
N ALA B 28 26.32 -24.08 -5.53
CA ALA B 28 27.20 -25.19 -5.16
C ALA B 28 28.32 -25.40 -6.19
N ALA B 29 27.99 -25.39 -7.48
CA ALA B 29 28.99 -25.67 -8.52
C ALA B 29 30.04 -24.57 -8.59
N LEU B 30 29.63 -23.32 -8.37
CA LEU B 30 30.56 -22.20 -8.41
C LEU B 30 31.50 -22.23 -7.19
N LYS B 31 30.98 -22.57 -6.01
CA LYS B 31 31.81 -22.67 -4.81
C LYS B 31 32.90 -23.73 -5.00
N LYS B 32 32.52 -24.87 -5.60
CA LYS B 32 33.42 -25.97 -5.91
C LYS B 32 34.48 -25.57 -6.94
N LYS B 33 34.35 -24.43 -7.60
CA LYS B 33 35.37 -23.91 -8.50
C LYS B 33 36.14 -22.72 -7.93
N GLY B 34 36.05 -22.46 -6.62
CA GLY B 34 36.83 -21.37 -6.06
C GLY B 34 36.22 -19.98 -6.19
N TRP B 35 34.98 -19.88 -6.66
CA TRP B 35 34.27 -18.62 -6.67
C TRP B 35 33.82 -18.25 -5.27
N GLU B 36 33.66 -16.96 -5.01
CA GLU B 36 32.99 -16.49 -3.81
C GLU B 36 31.57 -16.10 -4.22
N VAL B 37 30.58 -16.70 -3.58
CA VAL B 37 29.19 -16.57 -4.03
C VAL B 37 28.39 -15.84 -2.97
N VAL B 38 27.79 -14.71 -3.35
CA VAL B 38 26.86 -13.95 -2.52
C VAL B 38 25.49 -13.95 -3.19
N GLU B 39 24.42 -14.00 -2.38
CA GLU B 39 23.07 -14.23 -2.90
C GLU B 39 22.14 -13.05 -2.65
N SER B 40 21.18 -12.87 -3.57
CA SER B 40 20.07 -11.92 -3.43
C SER B 40 18.77 -12.64 -3.77
N ASP B 41 18.14 -13.20 -2.74
CA ASP B 41 16.83 -13.86 -2.84
C ASP B 41 15.78 -12.81 -2.49
N LEU B 42 15.19 -12.19 -3.51
CA LEU B 42 14.42 -10.96 -3.27
C LEU B 42 13.26 -11.17 -2.30
N TYR B 43 12.52 -12.27 -2.42
CA TYR B 43 11.41 -12.51 -1.50
C TYR B 43 11.93 -12.77 -0.09
N ALA B 44 13.07 -13.48 0.01
CA ALA B 44 13.70 -13.78 1.30
C ALA B 44 14.20 -12.53 2.00
N MET B 45 14.70 -11.54 1.24
CA MET B 45 15.15 -10.25 1.76
C MET B 45 14.02 -9.29 2.13
N ASN B 46 12.73 -9.64 1.91
CA ASN B 46 11.62 -8.71 2.13
C ASN B 46 11.78 -7.46 1.25
N PHE B 47 12.18 -7.69 0.00
CA PHE B 47 12.57 -6.60 -0.87
C PHE B 47 11.36 -5.77 -1.29
N ASN B 48 11.44 -4.46 -1.06
CA ASN B 48 10.46 -3.52 -1.57
C ASN B 48 10.83 -3.12 -3.00
N PRO B 49 10.01 -3.43 -3.99
CA PRO B 49 10.46 -3.23 -5.38
C PRO B 49 9.95 -1.94 -5.99
N ILE B 50 9.49 -0.98 -5.19
CA ILE B 50 8.75 0.16 -5.71
C ILE B 50 9.56 1.43 -5.48
N ILE B 51 9.98 2.06 -6.57
CA ILE B 51 10.67 3.34 -6.49
C ILE B 51 9.75 4.38 -5.89
N SER B 52 10.27 5.13 -4.94
CA SER B 52 9.54 6.26 -4.37
C SER B 52 10.55 7.26 -3.81
N ARG B 53 10.03 8.37 -3.28
CA ARG B 53 10.89 9.32 -2.58
C ARG B 53 11.55 8.72 -1.35
N LYS B 54 11.10 7.53 -0.92
CA LYS B 54 11.67 6.83 0.22
C LYS B 54 12.97 6.09 -0.11
N ASP B 55 13.36 6.00 -1.36
CA ASP B 55 14.69 5.49 -1.64
C ASP B 55 15.78 6.45 -1.16
N ILE B 56 15.43 7.73 -0.95
CA ILE B 56 16.37 8.75 -0.45
C ILE B 56 16.15 8.89 1.05
N THR B 57 17.25 8.88 1.82
CA THR B 57 17.15 8.79 3.28
C THR B 57 16.68 10.09 3.91
N GLY B 58 17.40 11.17 3.67
CA GLY B 58 17.21 12.37 4.48
C GLY B 58 16.26 13.36 3.85
N LYS B 59 16.64 14.65 3.93
CA LYS B 59 15.84 15.70 3.32
C LYS B 59 15.99 15.64 1.81
N LEU B 60 14.91 15.95 1.12
CA LEU B 60 14.98 16.02 -0.32
C LEU B 60 15.41 17.44 -0.69
N LYS B 61 16.09 17.57 -1.82
CA LYS B 61 16.47 18.91 -2.28
C LYS B 61 15.23 19.69 -2.72
N ASP B 62 14.42 19.10 -3.59
CA ASP B 62 13.26 19.76 -4.20
C ASP B 62 12.01 18.90 -4.04
N PRO B 63 11.48 18.82 -2.81
CA PRO B 63 10.28 18.00 -2.59
C PRO B 63 9.04 18.50 -3.33
N ALA B 64 8.91 19.81 -3.55
CA ALA B 64 7.66 20.32 -4.11
C ALA B 64 7.39 19.81 -5.53
N ASN B 65 8.44 19.43 -6.29
CA ASN B 65 8.31 18.80 -7.61
C ASN B 65 9.28 17.61 -7.65
N PHE B 66 8.92 16.48 -7.02
CA PHE B 66 9.89 15.40 -6.85
C PHE B 66 10.20 14.79 -8.20
N GLN B 67 11.49 14.64 -8.50
CA GLN B 67 11.96 14.17 -9.80
C GLN B 67 12.94 13.04 -9.52
N TYR B 68 12.46 11.80 -9.67
CA TYR B 68 13.19 10.63 -9.16
C TYR B 68 14.56 10.42 -9.76
N PRO B 69 14.75 10.47 -11.08
CA PRO B 69 16.11 10.25 -11.60
C PRO B 69 17.12 11.27 -11.07
N ALA B 70 16.82 12.56 -11.18
CA ALA B 70 17.73 13.59 -10.70
C ALA B 70 17.92 13.49 -9.19
N GLU B 71 16.85 13.21 -8.46
CA GLU B 71 16.94 13.21 -7.01
C GLU B 71 17.75 12.01 -6.50
N SER B 72 17.57 10.86 -7.14
CA SER B 72 18.28 9.66 -6.71
C SER B 72 19.75 9.71 -7.08
N VAL B 73 20.11 10.37 -8.17
CA VAL B 73 21.52 10.50 -8.48
C VAL B 73 22.22 11.32 -7.41
N LEU B 74 21.63 12.45 -7.03
CA LEU B 74 22.23 13.25 -5.98
C LEU B 74 22.35 12.44 -4.72
N ALA B 75 21.29 11.70 -4.39
CA ALA B 75 21.31 10.82 -3.22
C ALA B 75 22.40 9.76 -3.34
N TYR B 76 22.70 9.30 -4.57
CA TYR B 76 23.77 8.32 -4.78
C TYR B 76 25.14 8.93 -4.57
N LYS B 77 25.38 10.12 -5.15
CA LYS B 77 26.66 10.82 -4.98
C LYS B 77 26.89 11.25 -3.54
N GLU B 78 25.83 11.70 -2.86
CA GLU B 78 25.96 12.18 -1.48
C GLU B 78 25.97 11.08 -0.43
N GLY B 79 25.69 9.83 -0.81
CA GLY B 79 25.58 8.72 0.13
C GLY B 79 24.35 8.74 1.01
N HIS B 80 23.19 9.13 0.46
CA HIS B 80 21.94 9.19 1.21
C HIS B 80 20.86 8.28 0.63
N LEU B 81 21.27 7.19 -0.01
CA LEU B 81 20.35 6.18 -0.49
C LEU B 81 19.97 5.23 0.64
N SER B 82 18.79 4.65 0.53
CA SER B 82 18.29 3.76 1.58
C SER B 82 19.16 2.52 1.76
N PRO B 83 19.44 2.13 3.02
CA PRO B 83 20.37 1.01 3.31
C PRO B 83 20.15 -0.28 2.53
N ASP B 84 18.92 -0.61 2.15
CA ASP B 84 18.75 -1.78 1.30
C ASP B 84 19.32 -1.53 -0.09
N ILE B 85 19.11 -0.31 -0.62
CA ILE B 85 19.67 0.02 -1.92
C ILE B 85 21.18 0.04 -1.85
N VAL B 86 21.74 0.54 -0.74
CA VAL B 86 23.19 0.59 -0.63
C VAL B 86 23.76 -0.81 -0.65
N ALA B 87 23.24 -1.70 0.22
CA ALA B 87 23.76 -3.06 0.35
C ALA B 87 23.79 -3.78 -0.98
N GLU B 88 22.77 -3.57 -1.80
CA GLU B 88 22.76 -4.21 -3.10
C GLU B 88 23.89 -3.70 -4.00
N GLN B 89 24.03 -2.37 -4.11
CA GLN B 89 25.06 -1.78 -4.94
C GLN B 89 26.46 -2.22 -4.52
N LYS B 90 26.68 -2.42 -3.24
CA LYS B 90 27.96 -2.96 -2.82
C LYS B 90 28.19 -4.36 -3.43
N LYS B 91 27.15 -5.20 -3.43
CA LYS B 91 27.29 -6.56 -3.93
C LYS B 91 27.56 -6.60 -5.42
N LEU B 92 26.98 -5.66 -6.17
CA LEU B 92 27.15 -5.59 -7.62
C LEU B 92 28.57 -5.21 -8.01
N GLU B 93 29.14 -4.19 -7.36
CA GLU B 93 30.54 -3.83 -7.64
C GLU B 93 31.48 -4.95 -7.24
N ALA B 94 31.15 -5.67 -6.17
CA ALA B 94 32.02 -6.72 -5.67
C ALA B 94 32.07 -7.93 -6.61
N ALA B 95 30.98 -8.22 -7.32
CA ALA B 95 30.85 -9.47 -8.05
C ALA B 95 31.37 -9.38 -9.50
N ASP B 96 31.92 -10.49 -9.99
CA ASP B 96 32.29 -10.58 -11.40
C ASP B 96 31.15 -11.12 -12.25
N LEU B 97 30.52 -12.20 -11.79
CA LEU B 97 29.41 -12.83 -12.50
C LEU B 97 28.10 -12.57 -11.77
N VAL B 98 27.09 -12.21 -12.54
CA VAL B 98 25.75 -12.01 -12.02
C VAL B 98 24.84 -12.96 -12.77
N ILE B 99 24.16 -13.82 -12.02
CA ILE B 99 23.21 -14.77 -12.56
C ILE B 99 21.83 -14.31 -12.11
N PHE B 100 20.90 -14.20 -13.06
CA PHE B 100 19.51 -13.89 -12.75
C PHE B 100 18.70 -15.15 -12.96
N GLN B 101 18.27 -15.74 -11.84
CA GLN B 101 17.46 -16.96 -11.77
C GLN B 101 16.03 -16.57 -11.41
N PHE B 102 15.10 -16.76 -12.34
CA PHE B 102 13.72 -16.30 -12.12
C PHE B 102 12.77 -17.09 -13.01
N PRO B 103 11.50 -17.22 -12.61
CA PRO B 103 10.47 -17.72 -13.52
C PRO B 103 10.04 -16.62 -14.48
N LEU B 104 10.04 -16.94 -15.77
CA LEU B 104 9.47 -16.00 -16.73
C LEU B 104 8.03 -15.76 -16.34
N GLN B 105 7.67 -14.48 -16.25
CA GLN B 105 6.34 -14.07 -15.82
C GLN B 105 5.88 -12.94 -16.73
N TRP B 106 4.77 -13.18 -17.42
CA TRP B 106 4.19 -12.22 -18.34
C TRP B 106 5.19 -11.65 -19.34
N PHE B 107 6.00 -12.54 -19.91
CA PHE B 107 6.92 -12.21 -21.01
C PHE B 107 8.02 -11.20 -20.61
N GLY B 108 8.31 -11.12 -19.30
CA GLY B 108 9.43 -10.35 -18.81
C GLY B 108 9.89 -10.92 -17.50
N VAL B 109 10.69 -10.17 -16.75
CA VAL B 109 11.18 -10.59 -15.45
C VAL B 109 10.03 -10.38 -14.47
N PRO B 110 9.98 -11.10 -13.36
CA PRO B 110 8.95 -10.85 -12.35
C PRO B 110 9.00 -9.43 -11.83
N ALA B 111 7.87 -8.97 -11.28
CA ALA B 111 7.79 -7.62 -10.74
C ALA B 111 8.83 -7.36 -9.65
N ILE B 112 9.02 -8.31 -8.73
CA ILE B 112 9.93 -8.02 -7.62
C ILE B 112 11.37 -7.86 -8.12
N LEU B 113 11.71 -8.52 -9.24
CA LEU B 113 13.01 -8.29 -9.84
C LEU B 113 13.01 -7.04 -10.73
N LYS B 114 11.87 -6.70 -11.36
CA LYS B 114 11.79 -5.49 -12.18
C LYS B 114 12.02 -4.25 -11.35
N GLY B 115 11.47 -4.24 -10.13
CA GLY B 115 11.70 -3.10 -9.26
C GLY B 115 13.11 -3.09 -8.74
N TRP B 116 13.70 -4.26 -8.51
CA TRP B 116 15.10 -4.36 -8.11
C TRP B 116 15.99 -3.53 -9.04
N PHE B 117 15.87 -3.71 -10.35
CA PHE B 117 16.64 -2.89 -11.28
C PHE B 117 16.39 -1.41 -11.03
N GLU B 118 15.13 -1.02 -10.83
CA GLU B 118 14.75 0.39 -10.79
C GLU B 118 15.29 1.12 -9.57
N ARG B 119 15.40 0.45 -8.44
CA ARG B 119 15.90 1.04 -7.21
C ARG B 119 17.42 0.89 -7.05
N VAL B 120 18.06 0.04 -7.84
CA VAL B 120 19.46 -0.32 -7.65
C VAL B 120 20.34 0.17 -8.79
N PHE B 121 19.89 0.02 -10.03
CA PHE B 121 20.62 0.56 -11.18
C PHE B 121 20.33 2.05 -11.30
N ILE B 122 20.86 2.79 -10.32
CA ILE B 122 20.69 4.23 -10.23
C ILE B 122 21.61 4.94 -11.21
N GLY B 123 21.21 6.14 -11.65
CA GLY B 123 22.04 6.93 -12.53
C GLY B 123 23.45 7.08 -12.00
N GLU B 124 24.44 7.10 -12.90
CA GLU B 124 25.85 7.25 -12.55
C GLU B 124 26.47 6.01 -11.92
N PHE B 125 25.73 5.36 -11.02
CA PHE B 125 26.23 4.09 -10.49
C PHE B 125 26.29 3.04 -11.58
N ALA B 126 25.20 2.93 -12.34
CA ALA B 126 25.04 1.89 -13.34
C ALA B 126 25.12 2.36 -14.77
N TYR B 127 24.72 3.60 -15.07
CA TYR B 127 24.73 4.08 -16.45
C TYR B 127 24.81 5.61 -16.45
N THR B 128 25.44 6.17 -17.48
CA THR B 128 25.32 7.57 -17.82
C THR B 128 25.17 7.69 -19.33
N TYR B 129 24.59 8.79 -19.79
CA TYR B 129 24.57 9.01 -21.22
C TYR B 129 25.95 9.28 -21.80
N ALA B 130 26.97 9.52 -20.97
CA ALA B 130 28.32 9.65 -21.52
C ALA B 130 28.98 8.31 -21.75
N ALA B 131 28.50 7.25 -21.10
CA ALA B 131 29.15 5.95 -21.13
C ALA B 131 28.07 4.87 -21.08
N MET B 132 27.57 4.50 -22.26
CA MET B 132 26.52 3.50 -22.36
C MET B 132 26.94 2.32 -23.25
N TYR B 133 26.32 1.17 -23.00
CA TYR B 133 26.59 -0.09 -23.71
C TYR B 133 28.06 -0.43 -23.51
N ASP B 134 28.88 -0.52 -24.57
CA ASP B 134 30.25 -1.04 -24.41
C ASP B 134 31.05 -0.22 -23.42
N LYS B 135 30.65 1.04 -23.22
CA LYS B 135 31.35 2.00 -22.37
C LYS B 135 30.77 2.07 -20.97
N GLY B 136 29.78 1.24 -20.65
CA GLY B 136 29.05 1.29 -19.41
C GLY B 136 29.86 0.91 -18.20
N PRO B 137 29.35 1.29 -17.03
CA PRO B 137 30.07 1.04 -15.78
C PRO B 137 30.37 -0.40 -15.47
N PHE B 138 29.57 -1.36 -15.94
CA PHE B 138 29.75 -2.76 -15.56
C PHE B 138 30.47 -3.60 -16.60
N ARG B 139 31.23 -2.98 -17.51
CA ARG B 139 31.80 -3.73 -18.64
C ARG B 139 32.82 -4.77 -18.22
N SER B 140 33.30 -4.76 -16.98
CA SER B 140 34.17 -5.83 -16.54
C SER B 140 33.38 -7.03 -16.02
N LYS B 141 32.04 -6.95 -16.05
CA LYS B 141 31.19 -7.98 -15.47
C LYS B 141 30.46 -8.77 -16.55
N LYS B 142 30.11 -10.00 -16.20
CA LYS B 142 29.32 -10.84 -17.07
C LYS B 142 28.04 -11.22 -16.34
N ALA B 143 26.94 -11.23 -17.08
CA ALA B 143 25.65 -11.50 -16.51
C ALA B 143 24.91 -12.51 -17.37
N VAL B 144 24.17 -13.39 -16.73
CA VAL B 144 23.49 -14.44 -17.45
C VAL B 144 22.10 -14.64 -16.88
N LEU B 145 21.14 -14.82 -17.76
CA LEU B 145 19.77 -15.12 -17.38
C LEU B 145 19.58 -16.62 -17.41
N SER B 146 18.99 -17.16 -16.34
CA SER B 146 18.52 -18.54 -16.30
C SER B 146 17.02 -18.46 -16.07
N ILE B 147 16.26 -18.83 -17.10
CA ILE B 147 14.83 -18.59 -17.18
C ILE B 147 14.10 -19.94 -17.21
N THR B 148 13.00 -20.03 -16.45
CA THR B 148 12.07 -21.15 -16.48
C THR B 148 10.70 -20.69 -16.99
N THR B 149 10.16 -21.39 -17.98
CA THR B 149 8.87 -21.05 -18.60
C THR B 149 7.84 -22.16 -18.42
N GLY B 150 6.57 -21.76 -18.41
CA GLY B 150 5.53 -22.76 -18.56
C GLY B 150 5.51 -23.31 -19.97
N GLY B 151 5.60 -22.45 -20.98
CA GLY B 151 5.43 -22.86 -22.36
C GLY B 151 6.63 -23.56 -22.95
N SER B 152 6.40 -24.31 -24.01
CA SER B 152 7.50 -25.07 -24.58
C SER B 152 8.29 -24.19 -25.53
N GLY B 153 9.52 -24.60 -25.77
CA GLY B 153 10.35 -23.90 -26.72
C GLY B 153 9.72 -23.84 -28.09
N SER B 154 8.89 -24.84 -28.42
CA SER B 154 8.18 -24.78 -29.70
C SER B 154 7.22 -23.60 -29.74
N MET B 155 6.53 -23.31 -28.63
CA MET B 155 5.63 -22.15 -28.57
C MET B 155 6.39 -20.86 -28.80
N TYR B 156 7.67 -20.83 -28.40
CA TYR B 156 8.55 -19.68 -28.47
C TYR B 156 9.54 -19.77 -29.61
N SER B 157 9.32 -20.65 -30.58
CA SER B 157 10.18 -20.63 -31.74
C SER B 157 9.61 -19.63 -32.73
N LEU B 158 10.32 -19.43 -33.85
CA LEU B 158 9.87 -18.48 -34.84
C LEU B 158 8.47 -18.78 -35.33
N GLN B 159 8.11 -20.07 -35.42
CA GLN B 159 6.81 -20.50 -35.89
C GLN B 159 5.85 -20.81 -34.74
N GLY B 160 6.29 -20.61 -33.49
CA GLY B 160 5.45 -20.85 -32.34
C GLY B 160 4.46 -19.72 -32.11
N ILE B 161 3.36 -20.07 -31.43
CA ILE B 161 2.26 -19.13 -31.20
C ILE B 161 2.71 -17.89 -30.39
N HIS B 162 3.73 -18.01 -29.53
CA HIS B 162 4.15 -16.83 -28.79
C HIS B 162 5.14 -15.95 -29.54
N GLY B 163 5.75 -16.45 -30.59
CA GLY B 163 6.73 -15.66 -31.31
C GLY B 163 8.11 -15.80 -30.73
N ASP B 164 9.08 -15.35 -31.52
CA ASP B 164 10.49 -15.54 -31.25
C ASP B 164 10.85 -15.23 -29.80
N MET B 165 11.63 -16.10 -29.19
CA MET B 165 12.12 -15.86 -27.84
C MET B 165 13.23 -14.82 -27.84
N ASN B 166 13.91 -14.67 -28.97
CA ASN B 166 14.98 -13.67 -29.07
C ASN B 166 14.44 -12.25 -28.88
N VAL B 167 13.21 -11.98 -29.38
CA VAL B 167 12.56 -10.66 -29.28
C VAL B 167 12.07 -10.39 -27.85
N ILE B 168 11.75 -11.44 -27.09
CA ILE B 168 11.32 -11.27 -25.71
C ILE B 168 12.52 -11.04 -24.79
N LEU B 169 13.68 -11.58 -25.15
CA LEU B 169 14.87 -11.37 -24.34
C LEU B 169 15.50 -10.03 -24.61
N TRP B 170 15.23 -9.44 -25.79
CA TRP B 170 15.93 -8.24 -26.21
C TRP B 170 15.77 -7.05 -25.26
N PRO B 171 14.58 -6.73 -24.75
CA PRO B 171 14.54 -5.62 -23.78
C PRO B 171 15.41 -5.87 -22.55
N ILE B 172 15.58 -7.12 -22.16
CA ILE B 172 16.25 -7.44 -20.90
C ILE B 172 17.76 -7.51 -21.07
N GLN B 173 18.21 -8.30 -22.04
CA GLN B 173 19.63 -8.50 -22.22
C GLN B 173 20.29 -7.26 -22.83
N SER B 174 19.58 -6.52 -23.67
CA SER B 174 20.13 -5.33 -24.29
C SER B 174 19.83 -4.08 -23.45
N GLY B 175 18.56 -3.84 -23.16
CA GLY B 175 18.21 -2.59 -22.51
C GLY B 175 18.62 -2.49 -21.04
N ILE B 176 18.49 -3.56 -20.28
CA ILE B 176 18.77 -3.48 -18.87
C ILE B 176 20.19 -3.93 -18.56
N LEU B 177 20.64 -5.04 -19.15
CA LEU B 177 21.95 -5.57 -18.79
C LEU B 177 23.06 -4.87 -19.57
N HIS B 178 23.00 -4.93 -20.90
CA HIS B 178 24.10 -4.43 -21.71
C HIS B 178 24.19 -2.91 -21.65
N PHE B 179 23.06 -2.21 -21.54
CA PHE B 179 23.08 -0.75 -21.40
C PHE B 179 23.96 -0.31 -20.24
N CYS B 180 23.92 -1.03 -19.12
CA CYS B 180 24.83 -0.77 -18.01
C CYS B 180 26.22 -1.35 -18.24
N GLY B 181 26.48 -1.95 -19.40
CA GLY B 181 27.81 -2.40 -19.74
C GLY B 181 28.05 -3.89 -19.60
N PHE B 182 27.10 -4.63 -19.01
CA PHE B 182 27.27 -6.07 -18.82
C PHE B 182 27.55 -6.74 -20.16
N GLN B 183 28.45 -7.72 -20.12
CA GLN B 183 28.55 -8.69 -21.20
C GLN B 183 27.55 -9.80 -20.90
N VAL B 184 26.57 -9.98 -21.78
CA VAL B 184 25.49 -10.92 -21.52
C VAL B 184 25.93 -12.29 -22.05
N LEU B 185 25.92 -13.29 -21.18
CA LEU B 185 26.23 -14.64 -21.62
C LEU B 185 24.95 -15.31 -22.10
N GLU B 186 25.13 -16.40 -22.87
CA GLU B 186 23.99 -17.16 -23.37
C GLU B 186 23.05 -17.50 -22.21
N PRO B 187 21.75 -17.20 -22.32
CA PRO B 187 20.85 -17.54 -21.22
C PRO B 187 20.65 -19.04 -21.13
N GLN B 188 20.29 -19.48 -19.93
CA GLN B 188 19.91 -20.87 -19.69
C GLN B 188 18.38 -20.92 -19.72
N LEU B 189 17.84 -21.44 -20.82
CA LEU B 189 16.41 -21.46 -21.07
C LEU B 189 15.87 -22.85 -20.78
N THR B 190 15.04 -22.93 -19.78
CA THR B 190 14.48 -24.14 -19.32
C THR B 190 13.02 -24.18 -19.57
N TYR B 191 12.65 -24.49 -20.77
CA TYR B 191 11.30 -24.55 -21.23
C TYR B 191 10.52 -25.70 -20.63
N SER B 192 9.22 -25.57 -20.57
CA SER B 192 8.27 -26.53 -20.03
C SER B 192 8.37 -26.94 -18.62
N ILE B 193 8.99 -26.16 -17.78
CA ILE B 193 9.13 -26.54 -16.42
C ILE B 193 7.82 -26.72 -15.70
N GLY B 194 7.58 -27.93 -15.27
CA GLY B 194 6.32 -28.18 -14.63
C GLY B 194 5.71 -29.37 -15.28
N HIS B 195 5.91 -29.50 -16.57
CA HIS B 195 5.49 -30.63 -17.31
C HIS B 195 6.71 -31.34 -17.74
N THR B 196 7.72 -31.34 -16.89
CA THR B 196 8.98 -32.03 -17.18
C THR B 196 9.26 -33.10 -16.13
N PRO B 197 9.59 -34.34 -16.53
CA PRO B 197 9.69 -35.44 -15.57
C PRO B 197 10.88 -35.31 -14.63
N ALA B 198 10.74 -35.90 -13.44
CA ALA B 198 11.78 -35.75 -12.41
C ALA B 198 13.14 -36.24 -12.92
N ASP B 199 13.17 -37.20 -13.85
CA ASP B 199 14.47 -37.64 -14.33
C ASP B 199 15.11 -36.62 -15.27
N ALA B 200 14.30 -35.78 -15.93
CA ALA B 200 14.83 -34.69 -16.75
C ALA B 200 15.23 -33.47 -15.92
N ARG B 201 14.53 -33.20 -14.82
CA ARG B 201 14.93 -32.12 -13.92
C ARG B 201 16.30 -32.38 -13.30
N ILE B 202 16.60 -33.65 -13.00
CA ILE B 202 17.91 -34.01 -12.48
C ILE B 202 18.99 -33.66 -13.48
N GLN B 203 18.77 -34.03 -14.76
CA GLN B 203 19.77 -33.76 -15.79
C GLN B 203 19.85 -32.26 -16.11
N ILE B 204 18.75 -31.52 -15.96
CA ILE B 204 18.81 -30.06 -16.14
C ILE B 204 19.66 -29.43 -15.04
N LEU B 205 19.51 -29.87 -13.79
CA LEU B 205 20.31 -29.34 -12.70
C LEU B 205 21.79 -29.70 -12.90
N GLU B 206 22.06 -30.91 -13.37
CA GLU B 206 23.45 -31.31 -13.59
C GLU B 206 24.06 -30.56 -14.78
N GLY B 207 23.30 -30.43 -15.88
CA GLY B 207 23.79 -29.72 -17.06
C GLY B 207 24.09 -28.26 -16.80
N TRP B 208 23.32 -27.62 -15.91
CA TRP B 208 23.60 -26.25 -15.49
C TRP B 208 24.88 -26.17 -14.65
N LYS B 209 25.10 -27.15 -13.75
CA LYS B 209 26.33 -27.15 -12.99
C LYS B 209 27.53 -27.32 -13.89
N LYS B 210 27.38 -28.16 -14.94
CA LYS B 210 28.47 -28.43 -15.87
C LYS B 210 28.86 -27.18 -16.66
N ARG B 211 27.87 -26.40 -17.11
CA ARG B 211 28.18 -25.16 -17.83
C ARG B 211 28.88 -24.14 -16.93
N LEU B 212 28.56 -24.12 -15.63
CA LEU B 212 29.19 -23.16 -14.72
C LEU B 212 30.68 -23.43 -14.51
N GLU B 213 31.16 -24.64 -14.82
CA GLU B 213 32.57 -24.97 -14.66
C GLU B 213 33.48 -24.15 -15.57
N ASN B 214 32.92 -23.55 -16.62
CA ASN B 214 33.69 -22.74 -17.57
C ASN B 214 32.89 -21.55 -18.02
N ILE B 215 32.05 -21.03 -17.14
CA ILE B 215 31.16 -19.95 -17.54
C ILE B 215 31.98 -18.73 -17.93
N TRP B 216 33.09 -18.49 -17.22
CA TRP B 216 33.84 -17.27 -17.48
C TRP B 216 34.56 -17.32 -18.82
N ASP B 217 34.73 -18.50 -19.41
CA ASP B 217 35.47 -18.65 -20.66
C ASP B 217 34.60 -18.57 -21.91
N GLU B 218 33.30 -18.35 -21.77
CA GLU B 218 32.39 -18.40 -22.89
C GLU B 218 32.32 -17.07 -23.63
N THR B 219 31.95 -17.17 -24.89
CA THR B 219 31.68 -15.99 -25.69
C THR B 219 30.36 -15.36 -25.25
N PRO B 220 30.31 -14.05 -25.07
CA PRO B 220 29.03 -13.37 -24.84
C PRO B 220 28.21 -13.22 -26.11
N LEU B 221 26.92 -12.93 -25.92
CA LEU B 221 26.06 -12.58 -27.05
C LEU B 221 26.61 -11.36 -27.78
N TYR B 222 26.23 -11.24 -29.05
CA TYR B 222 26.64 -10.12 -29.90
C TYR B 222 25.64 -8.99 -29.87
N PHE B 223 26.14 -7.78 -29.57
CA PHE B 223 25.39 -6.52 -29.66
C PHE B 223 26.19 -5.55 -30.51
N ALA B 224 25.49 -4.64 -31.18
CA ALA B 224 26.19 -3.62 -31.97
C ALA B 224 27.07 -2.77 -31.07
N PRO B 225 28.38 -2.69 -31.32
CA PRO B 225 29.23 -1.84 -30.46
C PRO B 225 28.93 -0.37 -30.70
N SER B 226 29.03 0.42 -29.62
CA SER B 226 28.57 1.81 -29.67
C SER B 226 29.35 2.63 -30.67
N SER B 227 30.53 2.15 -31.08
CA SER B 227 31.32 2.83 -32.07
C SER B 227 30.60 2.92 -33.42
N LEU B 228 29.50 2.20 -33.61
CA LEU B 228 28.80 2.36 -34.87
C LEU B 228 27.94 3.61 -34.90
N PHE B 229 27.97 4.41 -33.84
CA PHE B 229 27.01 5.49 -33.69
C PHE B 229 27.70 6.80 -33.32
N ASP B 230 27.05 7.89 -33.73
CA ASP B 230 27.45 9.24 -33.37
C ASP B 230 26.73 9.56 -32.06
N LEU B 231 27.44 9.38 -30.94
CA LEU B 231 26.79 9.42 -29.63
C LEU B 231 26.73 10.86 -29.10
N ASN B 232 25.87 11.66 -29.73
CA ASN B 232 25.64 13.02 -29.26
C ASN B 232 24.21 13.47 -29.57
N PHE B 233 23.70 14.38 -28.74
CA PHE B 233 22.32 14.84 -28.84
C PHE B 233 22.05 15.56 -30.14
N GLN B 234 23.08 15.95 -30.88
CA GLN B 234 22.85 16.70 -32.10
C GLN B 234 22.69 15.77 -33.31
N ALA B 235 23.28 14.58 -33.25
CA ALA B 235 23.09 13.56 -34.27
C ALA B 235 21.99 12.57 -33.93
N GLY B 236 21.26 12.81 -32.84
CA GLY B 236 20.12 12.00 -32.48
C GLY B 236 20.46 10.59 -32.08
N PHE B 237 21.74 10.32 -31.79
CA PHE B 237 22.20 8.99 -31.45
C PHE B 237 21.88 7.98 -32.56
N LEU B 238 21.93 8.44 -33.81
CA LEU B 238 21.70 7.58 -34.95
C LEU B 238 22.99 6.89 -35.37
N MET B 239 22.86 5.92 -36.27
CA MET B 239 24.04 5.26 -36.83
C MET B 239 24.84 6.24 -37.63
N LYS B 240 26.15 6.01 -37.69
CA LYS B 240 27.01 6.82 -38.54
C LYS B 240 26.65 6.61 -40.01
N LYS B 241 26.75 7.69 -40.80
CA LYS B 241 26.44 7.59 -42.22
C LYS B 241 27.37 6.61 -42.93
N GLU B 242 28.63 6.55 -42.50
CA GLU B 242 29.57 5.57 -43.06
C GLU B 242 29.12 4.15 -42.73
N VAL B 243 28.69 3.93 -41.48
CA VAL B 243 28.20 2.62 -41.08
C VAL B 243 26.92 2.26 -41.83
N GLN B 244 26.04 3.23 -42.06
CA GLN B 244 24.83 2.89 -42.83
C GLN B 244 25.17 2.55 -44.27
N ASP B 245 26.19 3.18 -44.85
CA ASP B 245 26.62 2.85 -46.22
C ASP B 245 27.13 1.41 -46.30
N GLU B 246 27.98 1.01 -45.36
CA GLU B 246 28.57 -0.32 -45.43
C GLU B 246 27.55 -1.42 -45.20
N GLU B 247 26.33 -1.09 -44.77
CA GLU B 247 25.30 -2.09 -44.50
C GLU B 247 24.33 -2.30 -45.66
N LYS B 248 24.29 -1.39 -46.63
CA LYS B 248 23.31 -1.52 -47.69
C LYS B 248 23.47 -2.82 -48.47
N ASN B 249 24.66 -3.42 -48.48
CA ASN B 249 24.86 -4.66 -49.21
C ASN B 249 25.01 -5.86 -48.28
N LYS B 250 24.66 -5.73 -47.01
CA LYS B 250 24.72 -6.86 -46.08
C LYS B 250 23.36 -7.55 -46.01
N LYS B 251 23.38 -8.88 -45.92
CA LYS B 251 22.16 -9.70 -46.00
C LYS B 251 21.35 -9.66 -44.70
N PHE B 252 22.00 -9.78 -43.55
CA PHE B 252 21.29 -9.82 -42.28
C PHE B 252 21.41 -8.49 -41.56
N GLY B 253 20.57 -8.33 -40.53
CA GLY B 253 20.72 -7.24 -39.60
C GLY B 253 21.88 -7.48 -38.65
N LEU B 254 22.03 -6.57 -37.70
CA LEU B 254 23.08 -6.67 -36.69
C LEU B 254 22.61 -7.44 -35.47
N SER B 255 21.47 -7.06 -34.93
CA SER B 255 20.97 -7.64 -33.70
C SER B 255 19.46 -7.71 -33.79
N VAL B 256 18.82 -7.99 -32.66
CA VAL B 256 17.36 -8.03 -32.65
C VAL B 256 16.81 -6.61 -32.73
N GLY B 257 17.27 -5.72 -31.84
CA GLY B 257 16.81 -4.35 -31.87
C GLY B 257 17.37 -3.58 -33.05
N HIS B 258 18.55 -3.96 -33.52
CA HIS B 258 19.12 -3.27 -34.68
C HIS B 258 18.93 -4.10 -35.94
N HIS B 259 17.72 -4.56 -36.19
CA HIS B 259 17.54 -5.37 -37.38
C HIS B 259 17.59 -4.54 -38.65
N LEU B 260 17.44 -3.22 -38.56
CA LEU B 260 17.49 -2.33 -39.73
C LEU B 260 16.44 -2.70 -40.76
N GLY B 261 15.30 -3.23 -40.33
CA GLY B 261 14.32 -3.70 -41.29
C GLY B 261 14.78 -4.88 -42.12
N LYS B 262 15.77 -5.64 -41.62
CA LYS B 262 16.36 -6.80 -42.27
C LYS B 262 16.19 -8.04 -41.40
N SER B 263 16.66 -9.16 -41.94
CA SER B 263 16.51 -10.43 -41.27
C SER B 263 17.28 -10.46 -39.97
N ILE B 264 16.64 -10.92 -38.91
CA ILE B 264 17.41 -11.02 -37.67
C ILE B 264 18.42 -12.15 -37.82
N PRO B 265 19.67 -11.96 -37.40
CA PRO B 265 20.56 -13.10 -37.28
C PRO B 265 19.95 -14.11 -36.32
N THR B 266 20.02 -15.38 -36.71
CA THR B 266 19.34 -16.45 -35.98
C THR B 266 19.87 -16.62 -34.57
N ASP B 267 18.96 -16.66 -33.59
CA ASP B 267 19.35 -16.85 -32.19
C ASP B 267 20.34 -15.78 -31.77
N ASN B 268 20.09 -14.52 -32.19
CA ASN B 268 21.01 -13.45 -31.87
C ASN B 268 21.10 -13.21 -30.37
N GLN B 269 19.98 -13.40 -29.66
CA GLN B 269 19.89 -13.23 -28.21
C GLN B 269 20.06 -14.53 -27.46
N ILE B 270 20.35 -15.61 -28.16
CA ILE B 270 20.32 -16.94 -27.56
C ILE B 270 21.65 -17.64 -27.79
N LYS B 271 22.21 -17.50 -28.98
CA LYS B 271 23.47 -18.13 -29.34
C LYS B 271 24.54 -17.09 -29.61
N ALA B 272 25.75 -17.35 -29.11
CA ALA B 272 26.92 -16.53 -29.39
C ALA B 272 27.58 -16.96 -30.72
N ARG B 273 28.59 -16.19 -31.13
CA ARG B 273 29.38 -16.40 -32.38
C ARG B 273 28.58 -16.93 -33.57
N ARG C 4 -28.49 -16.34 11.96
CA ARG C 4 -28.73 -15.10 11.22
C ARG C 4 -27.59 -14.78 10.21
N ARG C 5 -27.32 -13.50 9.96
CA ARG C 5 -26.24 -13.09 9.08
C ARG C 5 -25.24 -12.28 9.88
N ALA C 6 -23.95 -12.63 9.75
CA ALA C 6 -22.88 -11.99 10.52
C ALA C 6 -21.77 -11.45 9.62
N LEU C 7 -21.12 -10.41 10.13
CA LEU C 7 -20.00 -9.74 9.46
C LEU C 7 -18.80 -9.71 10.38
N ILE C 8 -17.68 -10.24 9.91
CA ILE C 8 -16.44 -10.18 10.69
C ILE C 8 -15.50 -9.21 9.99
N VAL C 9 -15.14 -8.14 10.66
CA VAL C 9 -14.15 -7.20 10.14
C VAL C 9 -12.88 -7.43 10.93
N LEU C 10 -11.81 -7.74 10.24
CA LEU C 10 -10.54 -8.06 10.86
C LEU C 10 -9.50 -7.05 10.42
N ALA C 11 -8.76 -6.52 11.39
CA ALA C 11 -7.68 -5.59 11.14
C ALA C 11 -6.41 -6.19 11.71
N HIS C 12 -5.81 -7.11 10.96
CA HIS C 12 -4.48 -7.64 11.28
C HIS C 12 -3.84 -8.15 10.00
N SER C 13 -2.54 -7.91 9.84
CA SER C 13 -1.90 -8.21 8.58
C SER C 13 -1.46 -9.68 8.42
N GLU C 14 -1.40 -10.48 9.51
CA GLU C 14 -0.79 -11.81 9.45
C GLU C 14 -1.80 -12.94 9.74
N ARG C 15 -1.85 -13.92 8.82
CA ARG C 15 -2.61 -15.16 9.03
C ARG C 15 -2.01 -16.03 10.13
N THR C 16 -0.75 -15.83 10.46
CA THR C 16 -0.08 -16.55 11.52
C THR C 16 -0.37 -15.95 12.90
N SER C 17 -1.23 -14.94 12.96
CA SER C 17 -1.53 -14.20 14.18
C SER C 17 -2.67 -14.85 14.93
N PHE C 18 -2.75 -14.57 16.24
CA PHE C 18 -3.90 -15.05 17.02
C PHE C 18 -5.21 -14.42 16.56
N ASN C 19 -5.16 -13.14 16.18
CA ASN C 19 -6.35 -12.47 15.68
C ASN C 19 -6.89 -13.19 14.45
N TYR C 20 -6.02 -13.61 13.55
CA TYR C 20 -6.53 -14.34 12.40
C TYR C 20 -7.10 -15.70 12.81
N ALA C 21 -6.56 -16.32 13.85
CA ALA C 21 -7.18 -17.56 14.30
C ALA C 21 -8.56 -17.30 14.91
N MET C 22 -8.72 -16.18 15.63
CA MET C 22 -10.00 -15.85 16.25
C MET C 22 -11.08 -15.54 15.21
N LYS C 23 -10.70 -14.87 14.12
CA LYS C 23 -11.62 -14.71 13.00
C LYS C 23 -12.03 -16.05 12.43
N GLU C 24 -11.06 -16.95 12.23
CA GLU C 24 -11.40 -18.30 11.80
C GLU C 24 -12.21 -19.03 12.86
N ALA C 25 -11.91 -18.80 14.15
CA ALA C 25 -12.69 -19.43 15.21
C ALA C 25 -14.15 -18.98 15.16
N ALA C 26 -14.38 -17.69 14.93
CA ALA C 26 -15.75 -17.15 14.96
C ALA C 26 -16.58 -17.64 13.78
N ALA C 27 -16.03 -17.57 12.57
CA ALA C 27 -16.76 -18.04 11.39
C ALA C 27 -17.06 -19.54 11.49
N ALA C 28 -16.12 -20.32 12.05
CA ALA C 28 -16.35 -21.75 12.17
C ALA C 28 -17.48 -22.04 13.17
N ALA C 29 -17.44 -21.38 14.34
CA ALA C 29 -18.50 -21.61 15.31
C ALA C 29 -19.85 -21.13 14.80
N LEU C 30 -19.86 -19.96 14.11
CA LEU C 30 -21.12 -19.38 13.64
C LEU C 30 -21.75 -20.15 12.48
N LYS C 31 -20.95 -20.49 11.45
CA LYS C 31 -21.53 -21.19 10.30
C LYS C 31 -22.16 -22.50 10.71
N LYS C 32 -21.51 -23.24 11.63
CA LYS C 32 -22.06 -24.48 12.15
C LYS C 32 -23.34 -24.27 12.95
N LYS C 33 -23.65 -23.04 13.36
CA LYS C 33 -24.91 -22.77 14.01
C LYS C 33 -25.89 -22.06 13.09
N GLY C 34 -25.65 -22.13 11.78
CA GLY C 34 -26.56 -21.59 10.79
C GLY C 34 -26.42 -20.13 10.46
N TRP C 35 -25.41 -19.45 10.98
CA TRP C 35 -25.14 -18.10 10.53
C TRP C 35 -24.48 -18.15 9.16
N GLU C 36 -24.77 -17.15 8.35
CA GLU C 36 -24.04 -16.92 7.11
C GLU C 36 -23.03 -15.82 7.38
N VAL C 37 -21.76 -16.08 7.09
CA VAL C 37 -20.67 -15.20 7.51
C VAL C 37 -19.98 -14.59 6.30
N VAL C 38 -19.93 -13.27 6.27
CA VAL C 38 -19.15 -12.49 5.30
C VAL C 38 -18.03 -11.81 6.05
N GLU C 39 -16.86 -11.70 5.42
CA GLU C 39 -15.66 -11.17 6.06
C GLU C 39 -15.22 -9.85 5.45
N SER C 40 -14.57 -9.03 6.27
CA SER C 40 -13.92 -7.81 5.81
C SER C 40 -12.54 -7.85 6.41
N ASP C 41 -11.60 -8.41 5.64
CA ASP C 41 -10.16 -8.49 5.96
C ASP C 41 -9.50 -7.23 5.41
N LEU C 42 -9.37 -6.22 6.27
CA LEU C 42 -8.99 -4.91 5.76
C LEU C 42 -7.66 -4.96 5.02
N TYR C 43 -6.68 -5.70 5.57
CA TYR C 43 -5.37 -5.77 4.95
C TYR C 43 -5.40 -6.59 3.65
N ALA C 44 -6.18 -7.67 3.61
CA ALA C 44 -6.29 -8.42 2.37
C ALA C 44 -7.02 -7.62 1.32
N MET C 45 -7.99 -6.81 1.74
CA MET C 45 -8.64 -5.89 0.82
C MET C 45 -7.73 -4.74 0.44
N ASN C 46 -6.57 -4.62 1.08
CA ASN C 46 -5.69 -3.49 0.88
C ASN C 46 -6.50 -2.22 1.06
N PHE C 47 -7.29 -2.23 2.14
CA PHE C 47 -8.28 -1.17 2.35
C PHE C 47 -7.62 0.17 2.58
N ASN C 48 -8.11 1.16 1.84
CA ASN C 48 -7.68 2.56 1.94
C ASN C 48 -8.45 3.27 3.04
N PRO C 49 -7.76 3.73 4.11
CA PRO C 49 -8.45 4.23 5.30
C PRO C 49 -8.57 5.74 5.46
N ILE C 50 -8.43 6.53 4.41
CA ILE C 50 -8.34 7.99 4.56
C ILE C 50 -9.47 8.69 3.79
N ILE C 51 -10.33 9.39 4.52
CA ILE C 51 -11.38 10.17 3.86
C ILE C 51 -10.75 11.23 2.95
N SER C 52 -11.28 11.33 1.73
CA SER C 52 -10.88 12.36 0.78
C SER C 52 -12.03 12.61 -0.20
N ARG C 53 -11.83 13.60 -1.08
CA ARG C 53 -12.81 13.86 -2.12
C ARG C 53 -12.95 12.70 -3.08
N LYS C 54 -12.00 11.75 -3.06
CA LYS C 54 -12.09 10.60 -3.94
C LYS C 54 -13.12 9.60 -3.46
N ASP C 55 -13.67 9.80 -2.25
CA ASP C 55 -14.81 9.01 -1.80
C ASP C 55 -16.07 9.27 -2.59
N ILE C 56 -16.16 10.39 -3.29
CA ILE C 56 -17.30 10.70 -4.13
C ILE C 56 -16.96 10.39 -5.58
N THR C 57 -17.79 9.58 -6.25
CA THR C 57 -17.40 9.04 -7.54
C THR C 57 -17.38 10.10 -8.63
N GLY C 58 -18.45 10.86 -8.78
CA GLY C 58 -18.56 11.74 -9.93
C GLY C 58 -18.08 13.16 -9.66
N LYS C 59 -18.78 14.15 -10.18
CA LYS C 59 -18.42 15.53 -9.90
C LYS C 59 -18.90 15.90 -8.49
N LEU C 60 -18.18 16.82 -7.88
CA LEU C 60 -18.54 17.31 -6.57
C LEU C 60 -19.54 18.46 -6.69
N LYS C 61 -20.38 18.60 -5.66
CA LYS C 61 -21.32 19.71 -5.66
C LYS C 61 -20.56 21.02 -5.51
N ASP C 62 -19.69 21.12 -4.52
CA ASP C 62 -19.00 22.37 -4.22
C ASP C 62 -17.51 22.15 -4.04
N PRO C 63 -16.77 22.01 -5.13
CA PRO C 63 -15.33 21.73 -5.00
C PRO C 63 -14.49 22.82 -4.36
N ALA C 64 -14.77 24.10 -4.61
CA ALA C 64 -13.85 25.16 -4.16
C ALA C 64 -13.75 25.29 -2.64
N ASN C 65 -14.78 24.86 -1.89
CA ASN C 65 -14.76 24.79 -0.42
C ASN C 65 -15.29 23.41 -0.07
N PHE C 66 -14.42 22.40 -0.21
CA PHE C 66 -14.83 21.00 -0.04
C PHE C 66 -15.14 20.70 1.41
N GLN C 67 -16.30 20.10 1.64
CA GLN C 67 -16.81 19.85 2.98
C GLN C 67 -17.21 18.39 3.04
N TYR C 68 -16.34 17.53 3.58
CA TYR C 68 -16.59 16.10 3.49
C TYR C 68 -17.90 15.66 4.15
N PRO C 69 -18.27 16.14 5.35
CA PRO C 69 -19.55 15.68 5.91
C PRO C 69 -20.72 15.99 4.97
N ALA C 70 -20.84 17.26 4.54
CA ALA C 70 -21.94 17.64 3.66
C ALA C 70 -21.86 16.96 2.29
N GLU C 71 -20.66 16.87 1.72
CA GLU C 71 -20.52 16.37 0.35
C GLU C 71 -20.73 14.85 0.26
N SER C 72 -20.27 14.10 1.27
CA SER C 72 -20.38 12.65 1.23
C SER C 72 -21.81 12.20 1.45
N VAL C 73 -22.57 12.95 2.25
CA VAL C 73 -23.97 12.61 2.44
C VAL C 73 -24.72 12.72 1.11
N LEU C 74 -24.49 13.82 0.39
CA LEU C 74 -25.06 13.96 -0.95
C LEU C 74 -24.65 12.80 -1.85
N ALA C 75 -23.40 12.35 -1.72
CA ALA C 75 -22.98 11.18 -2.49
C ALA C 75 -23.77 9.93 -2.07
N TYR C 76 -24.09 9.80 -0.78
CA TYR C 76 -24.82 8.61 -0.35
C TYR C 76 -26.27 8.63 -0.79
N LYS C 77 -26.94 9.78 -0.62
CA LYS C 77 -28.33 9.87 -1.05
C LYS C 77 -28.48 9.65 -2.56
N GLU C 78 -27.54 10.16 -3.35
CA GLU C 78 -27.56 10.02 -4.81
C GLU C 78 -26.99 8.70 -5.31
N GLY C 79 -26.34 7.92 -4.47
CA GLY C 79 -25.71 6.72 -4.97
C GLY C 79 -24.46 6.99 -5.78
N HIS C 80 -23.65 7.94 -5.36
CA HIS C 80 -22.39 8.24 -6.05
C HIS C 80 -21.19 8.04 -5.13
N LEU C 81 -21.31 7.14 -4.14
CA LEU C 81 -20.18 6.83 -3.26
C LEU C 81 -19.26 5.83 -3.94
N SER C 82 -17.99 5.90 -3.59
CA SER C 82 -16.99 5.08 -4.26
C SER C 82 -17.32 3.60 -4.10
N PRO C 83 -17.17 2.81 -5.16
CA PRO C 83 -17.61 1.40 -5.11
C PRO C 83 -17.09 0.62 -3.91
N ASP C 84 -15.87 0.90 -3.43
CA ASP C 84 -15.37 0.22 -2.24
C ASP C 84 -16.19 0.58 -0.99
N ILE C 85 -16.57 1.83 -0.84
CA ILE C 85 -17.45 2.21 0.25
C ILE C 85 -18.82 1.57 0.05
N VAL C 86 -19.28 1.50 -1.20
CA VAL C 86 -20.58 0.91 -1.50
C VAL C 86 -20.60 -0.54 -1.08
N ALA C 87 -19.61 -1.31 -1.57
CA ALA C 87 -19.54 -2.72 -1.24
C ALA C 87 -19.55 -2.95 0.27
N GLU C 88 -18.84 -2.11 1.02
CA GLU C 88 -18.80 -2.27 2.47
C GLU C 88 -20.14 -1.95 3.10
N GLN C 89 -20.78 -0.87 2.66
CA GLN C 89 -22.10 -0.50 3.18
C GLN C 89 -23.15 -1.60 2.96
N LYS C 90 -23.05 -2.33 1.85
CA LYS C 90 -23.97 -3.44 1.61
C LYS C 90 -23.82 -4.53 2.66
N LYS C 91 -22.58 -4.82 3.10
CA LYS C 91 -22.40 -5.83 4.14
C LYS C 91 -23.05 -5.41 5.45
N LEU C 92 -23.01 -4.12 5.75
CA LEU C 92 -23.56 -3.67 7.01
C LEU C 92 -25.06 -3.86 7.05
N GLU C 93 -25.78 -3.37 6.04
CA GLU C 93 -27.22 -3.55 6.04
C GLU C 93 -27.59 -5.02 6.01
N ALA C 94 -26.81 -5.85 5.31
CA ALA C 94 -27.15 -7.26 5.24
C ALA C 94 -26.90 -7.96 6.57
N ALA C 95 -25.96 -7.49 7.38
CA ALA C 95 -25.52 -8.23 8.55
C ALA C 95 -26.41 -7.97 9.76
N ASP C 96 -26.64 -9.02 10.55
CA ASP C 96 -27.34 -8.90 11.82
C ASP C 96 -26.37 -8.61 12.97
N LEU C 97 -25.32 -9.43 13.08
CA LEU C 97 -24.26 -9.29 14.08
C LEU C 97 -22.97 -8.84 13.42
N VAL C 98 -22.26 -7.89 14.04
CA VAL C 98 -20.98 -7.41 13.51
C VAL C 98 -19.89 -7.61 14.56
N ILE C 99 -18.84 -8.33 14.19
CA ILE C 99 -17.70 -8.62 15.06
C ILE C 99 -16.52 -7.81 14.56
N PHE C 100 -15.93 -7.01 15.44
CA PHE C 100 -14.72 -6.26 15.12
C PHE C 100 -13.57 -6.91 15.85
N GLN C 101 -12.75 -7.63 15.10
CA GLN C 101 -11.61 -8.36 15.65
C GLN C 101 -10.34 -7.56 15.40
N PHE C 102 -9.68 -7.12 16.48
CA PHE C 102 -8.50 -6.30 16.27
C PHE C 102 -7.58 -6.34 17.47
N PRO C 103 -6.27 -6.21 17.26
CA PRO C 103 -5.34 -6.02 18.37
C PRO C 103 -5.40 -4.58 18.86
N LEU C 104 -5.53 -4.39 20.17
CA LEU C 104 -5.49 -3.04 20.70
C LEU C 104 -4.19 -2.34 20.28
N GLN C 105 -4.29 -1.16 19.67
CA GLN C 105 -3.11 -0.43 19.19
C GLN C 105 -3.21 1.00 19.65
N TRP C 106 -2.25 1.44 20.44
CA TRP C 106 -2.23 2.79 20.99
C TRP C 106 -3.58 3.15 21.57
N PHE C 107 -4.15 2.19 22.30
CA PHE C 107 -5.36 2.33 23.11
C PHE C 107 -6.60 2.59 22.25
N GLY C 108 -6.56 2.14 21.03
CA GLY C 108 -7.75 2.19 20.22
C GLY C 108 -7.71 1.21 19.10
N VAL C 109 -8.55 1.46 18.11
CA VAL C 109 -8.60 0.58 16.95
C VAL C 109 -7.38 0.87 16.10
N PRO C 110 -6.89 -0.10 15.33
CA PRO C 110 -5.82 0.20 14.37
C PRO C 110 -6.28 1.28 13.38
N ALA C 111 -5.29 2.01 12.84
CA ALA C 111 -5.61 3.08 11.90
C ALA C 111 -6.43 2.55 10.74
N ILE C 112 -6.15 1.33 10.27
CA ILE C 112 -6.89 0.83 9.11
C ILE C 112 -8.36 0.63 9.43
N LEU C 113 -8.69 0.32 10.68
CA LEU C 113 -10.09 0.22 11.07
C LEU C 113 -10.70 1.56 11.46
N LYS C 114 -9.90 2.49 11.97
CA LYS C 114 -10.43 3.81 12.28
C LYS C 114 -10.90 4.53 11.03
N GLY C 115 -10.16 4.38 9.94
CA GLY C 115 -10.55 4.96 8.67
C GLY C 115 -11.67 4.19 8.00
N TRP C 116 -11.71 2.88 8.24
CA TRP C 116 -12.86 2.09 7.82
C TRP C 116 -14.16 2.73 8.34
N PHE C 117 -14.19 3.08 9.64
CA PHE C 117 -15.36 3.76 10.20
C PHE C 117 -15.67 5.06 9.46
N GLU C 118 -14.63 5.87 9.23
CA GLU C 118 -14.84 7.22 8.74
C GLU C 118 -15.39 7.23 7.30
N ARG C 119 -14.95 6.29 6.46
CA ARG C 119 -15.36 6.21 5.06
C ARG C 119 -16.64 5.41 4.84
N VAL C 120 -17.08 4.66 5.84
CA VAL C 120 -18.21 3.75 5.72
C VAL C 120 -19.40 4.23 6.56
N PHE C 121 -19.14 4.71 7.78
CA PHE C 121 -20.18 5.32 8.60
C PHE C 121 -20.43 6.76 8.12
N ILE C 122 -20.98 6.87 6.91
CA ILE C 122 -21.34 8.16 6.32
C ILE C 122 -22.67 8.61 6.91
N GLY C 123 -22.88 9.92 6.98
CA GLY C 123 -24.13 10.49 7.47
C GLY C 123 -25.38 9.96 6.82
N GLU C 124 -26.43 9.81 7.62
CA GLU C 124 -27.73 9.26 7.22
C GLU C 124 -27.68 7.74 7.03
N PHE C 125 -26.61 7.21 6.40
CA PHE C 125 -26.46 5.76 6.33
C PHE C 125 -26.22 5.18 7.72
N ALA C 126 -25.34 5.82 8.50
CA ALA C 126 -25.00 5.34 9.83
C ALA C 126 -25.51 6.21 10.98
N TYR C 127 -25.65 7.52 10.78
CA TYR C 127 -26.05 8.40 11.88
C TYR C 127 -26.82 9.61 11.36
N THR C 128 -27.79 10.07 12.16
CA THR C 128 -28.41 11.37 11.97
C THR C 128 -28.58 12.03 13.33
N TYR C 129 -28.58 13.37 13.34
CA TYR C 129 -28.87 14.08 14.59
C TYR C 129 -30.34 14.00 14.96
N ALA C 130 -31.19 13.56 14.04
CA ALA C 130 -32.59 13.29 14.36
C ALA C 130 -32.80 11.92 14.99
N ALA C 131 -31.84 11.02 14.89
CA ALA C 131 -32.00 9.66 15.40
C ALA C 131 -30.63 9.12 15.83
N MET C 132 -30.27 9.37 17.08
CA MET C 132 -28.97 8.97 17.57
C MET C 132 -29.09 8.00 18.74
N TYR C 133 -28.03 7.22 18.92
CA TYR C 133 -27.97 6.23 19.99
C TYR C 133 -29.14 5.26 19.90
N ASP C 134 -30.07 5.28 20.85
CA ASP C 134 -31.12 4.27 20.88
C ASP C 134 -31.99 4.28 19.62
N LYS C 135 -32.06 5.41 18.92
CA LYS C 135 -32.89 5.57 17.73
C LYS C 135 -32.10 5.44 16.43
N GLY C 136 -30.80 5.16 16.48
CA GLY C 136 -29.95 5.21 15.33
C GLY C 136 -30.27 4.17 14.26
N PRO C 137 -29.71 4.38 13.07
CA PRO C 137 -30.04 3.50 11.92
C PRO C 137 -29.75 2.02 12.15
N PHE C 138 -28.80 1.67 13.03
CA PHE C 138 -28.39 0.30 13.27
C PHE C 138 -29.05 -0.29 14.51
N ARG C 139 -30.16 0.26 14.95
CA ARG C 139 -30.77 -0.19 16.18
C ARG C 139 -31.15 -1.65 16.20
N SER C 140 -31.43 -2.20 15.04
CA SER C 140 -31.79 -3.61 14.93
C SER C 140 -30.57 -4.53 14.89
N LYS C 141 -29.37 -3.97 15.02
CA LYS C 141 -28.12 -4.71 14.90
C LYS C 141 -27.42 -4.82 16.25
N LYS C 142 -26.56 -5.84 16.37
CA LYS C 142 -25.71 -6.05 17.52
C LYS C 142 -24.25 -6.14 17.08
N ALA C 143 -23.34 -5.55 17.86
CA ALA C 143 -21.92 -5.53 17.54
C ALA C 143 -21.09 -5.80 18.79
N VAL C 144 -19.93 -6.40 18.58
CA VAL C 144 -19.06 -6.82 19.68
C VAL C 144 -17.61 -6.55 19.27
N LEU C 145 -16.79 -6.15 20.25
CA LEU C 145 -15.35 -5.97 20.07
C LEU C 145 -14.61 -7.19 20.60
N SER C 146 -13.67 -7.72 19.81
CA SER C 146 -12.75 -8.76 20.26
C SER C 146 -11.32 -8.24 20.13
N ILE C 147 -10.67 -8.02 21.28
CA ILE C 147 -9.42 -7.28 21.39
C ILE C 147 -8.33 -8.18 21.96
N THR C 148 -7.16 -8.20 21.32
CA THR C 148 -5.99 -8.86 21.89
C THR C 148 -4.99 -7.79 22.29
N THR C 149 -4.54 -7.82 23.53
CA THR C 149 -3.63 -6.79 24.00
C THR C 149 -2.28 -7.40 24.34
N GLY C 150 -1.22 -6.63 24.14
CA GLY C 150 0.07 -7.05 24.65
C GLY C 150 0.16 -7.00 26.16
N GLY C 151 -0.36 -5.91 26.78
CA GLY C 151 -0.25 -5.74 28.21
C GLY C 151 -1.26 -6.61 28.97
N SER C 152 -0.97 -6.80 30.26
CA SER C 152 -1.76 -7.70 31.10
C SER C 152 -3.02 -7.01 31.61
N GLY C 153 -4.02 -7.82 31.95
CA GLY C 153 -5.29 -7.31 32.44
C GLY C 153 -5.16 -6.49 33.72
N SER C 154 -4.18 -6.82 34.56
CA SER C 154 -3.98 -6.05 35.79
C SER C 154 -3.57 -4.62 35.47
N MET C 155 -2.73 -4.45 34.43
CA MET C 155 -2.30 -3.11 34.02
C MET C 155 -3.48 -2.22 33.67
N TYR C 156 -4.56 -2.84 33.16
CA TYR C 156 -5.77 -2.14 32.73
C TYR C 156 -6.87 -2.22 33.77
N SER C 157 -6.54 -2.61 34.98
CA SER C 157 -7.49 -2.62 36.07
C SER C 157 -7.53 -1.22 36.69
N LEU C 158 -8.39 -1.03 37.71
CA LEU C 158 -8.49 0.28 38.36
C LEU C 158 -7.17 0.70 38.96
N GLN C 159 -6.37 -0.26 39.42
CA GLN C 159 -5.11 0.09 40.04
C GLN C 159 -3.95 -0.05 39.07
N GLY C 160 -4.22 -0.47 37.83
CA GLY C 160 -3.15 -0.67 36.87
C GLY C 160 -2.60 0.66 36.37
N ILE C 161 -1.35 0.61 35.92
CA ILE C 161 -0.67 1.84 35.52
C ILE C 161 -1.40 2.51 34.36
N HIS C 162 -2.05 1.72 33.50
CA HIS C 162 -2.73 2.25 32.34
C HIS C 162 -4.11 2.79 32.67
N GLY C 163 -4.65 2.44 33.84
CA GLY C 163 -5.96 2.90 34.21
C GLY C 163 -7.06 1.99 33.69
N ASP C 164 -8.26 2.25 34.18
CA ASP C 164 -9.43 1.42 33.88
C ASP C 164 -9.60 1.17 32.37
N MET C 165 -9.86 -0.09 32.01
CA MET C 165 -10.13 -0.47 30.63
C MET C 165 -11.50 0.00 30.16
N ASN C 166 -12.42 0.22 31.09
CA ASN C 166 -13.76 0.70 30.72
C ASN C 166 -13.70 2.11 30.12
N VAL C 167 -12.80 2.96 30.63
CA VAL C 167 -12.71 4.32 30.12
C VAL C 167 -12.06 4.32 28.76
N ILE C 168 -11.23 3.33 28.50
CA ILE C 168 -10.60 3.22 27.21
C ILE C 168 -11.59 2.68 26.18
N LEU C 169 -12.59 1.92 26.63
CA LEU C 169 -13.58 1.38 25.70
C LEU C 169 -14.69 2.38 25.36
N TRP C 170 -14.95 3.37 26.21
CA TRP C 170 -16.12 4.24 26.01
C TRP C 170 -16.12 5.01 24.68
N PRO C 171 -15.02 5.62 24.23
CA PRO C 171 -15.08 6.28 22.91
C PRO C 171 -15.44 5.34 21.77
N ILE C 172 -15.10 4.07 21.86
CA ILE C 172 -15.32 3.15 20.74
C ILE C 172 -16.73 2.59 20.76
N GLN C 173 -17.15 2.02 21.91
CA GLN C 173 -18.45 1.36 21.97
C GLN C 173 -19.61 2.35 22.05
N SER C 174 -19.42 3.50 22.68
CA SER C 174 -20.48 4.50 22.70
C SER C 174 -20.38 5.45 21.52
N GLY C 175 -19.19 6.01 21.31
CA GLY C 175 -19.05 7.07 20.31
C GLY C 175 -19.19 6.56 18.89
N ILE C 176 -18.61 5.42 18.58
CA ILE C 176 -18.69 4.90 17.23
C ILE C 176 -19.86 3.95 17.09
N LEU C 177 -19.99 3.02 18.03
CA LEU C 177 -20.95 1.94 17.87
C LEU C 177 -22.36 2.36 18.29
N HIS C 178 -22.52 2.83 19.54
CA HIS C 178 -23.86 3.12 20.04
C HIS C 178 -24.47 4.34 19.37
N PHE C 179 -23.66 5.34 19.03
CA PHE C 179 -24.17 6.54 18.35
C PHE C 179 -24.94 6.15 17.10
N CYS C 180 -24.45 5.16 16.37
CA CYS C 180 -25.08 4.65 15.17
C CYS C 180 -26.19 3.62 15.40
N GLY C 181 -26.56 3.32 16.65
CA GLY C 181 -27.70 2.46 16.90
C GLY C 181 -27.37 1.06 17.34
N PHE C 182 -26.10 0.65 17.32
CA PHE C 182 -25.73 -0.69 17.72
C PHE C 182 -26.13 -0.98 19.16
N GLN C 183 -26.56 -2.21 19.39
CA GLN C 183 -26.61 -2.82 20.71
C GLN C 183 -25.21 -3.39 20.92
N VAL C 184 -24.49 -2.85 21.88
CA VAL C 184 -23.10 -3.22 22.13
C VAL C 184 -23.08 -4.34 23.17
N LEU C 185 -22.47 -5.47 22.82
CA LEU C 185 -22.34 -6.60 23.73
C LEU C 185 -21.01 -6.55 24.51
N GLU C 186 -20.95 -7.34 25.56
CA GLU C 186 -19.72 -7.44 26.33
C GLU C 186 -18.57 -7.78 25.40
N PRO C 187 -17.47 -7.01 25.41
CA PRO C 187 -16.35 -7.34 24.54
C PRO C 187 -15.65 -8.62 24.97
N GLN C 188 -14.97 -9.26 24.01
CA GLN C 188 -14.14 -10.44 24.28
C GLN C 188 -12.69 -9.95 24.41
N LEU C 189 -12.16 -9.95 25.64
CA LEU C 189 -10.86 -9.35 25.97
C LEU C 189 -9.79 -10.41 26.23
N THR C 190 -8.79 -10.47 25.36
CA THR C 190 -7.70 -11.45 25.43
C THR C 190 -6.39 -10.73 25.78
N TYR C 191 -6.13 -10.59 27.09
CA TYR C 191 -4.94 -9.89 27.56
C TYR C 191 -3.69 -10.75 27.43
N SER C 192 -2.55 -10.07 27.43
CA SER C 192 -1.24 -10.72 27.49
C SER C 192 -1.08 -11.82 26.46
N ILE C 193 -1.81 -11.78 25.35
CA ILE C 193 -1.63 -12.83 24.35
C ILE C 193 -0.19 -12.80 23.87
N GLY C 194 0.30 -13.95 23.41
CA GLY C 194 1.71 -14.17 23.19
C GLY C 194 2.51 -14.45 24.45
N HIS C 195 2.03 -14.00 25.62
CA HIS C 195 2.55 -14.38 26.93
C HIS C 195 1.61 -15.35 27.63
N THR C 196 0.96 -16.20 26.83
CA THR C 196 -0.07 -17.13 27.22
C THR C 196 0.36 -18.53 26.77
N PRO C 197 0.29 -19.54 27.64
CA PRO C 197 0.82 -20.85 27.29
C PRO C 197 0.07 -21.47 26.12
N ALA C 198 0.79 -22.31 25.36
CA ALA C 198 0.32 -22.76 24.06
C ALA C 198 -1.08 -23.40 24.10
N ASP C 199 -1.39 -24.13 25.18
CA ASP C 199 -2.70 -24.77 25.33
C ASP C 199 -3.75 -23.87 25.96
N ALA C 200 -3.34 -22.83 26.70
CA ALA C 200 -4.36 -21.90 27.21
C ALA C 200 -4.89 -21.03 26.08
N ARG C 201 -4.05 -20.76 25.07
CA ARG C 201 -4.54 -20.12 23.85
C ARG C 201 -5.56 -21.01 23.16
N ILE C 202 -5.35 -22.34 23.22
CA ILE C 202 -6.30 -23.31 22.69
C ILE C 202 -7.63 -23.18 23.41
N GLN C 203 -7.58 -23.00 24.73
CA GLN C 203 -8.81 -22.86 25.51
C GLN C 203 -9.50 -21.53 25.24
N ILE C 204 -8.73 -20.47 24.96
CA ILE C 204 -9.32 -19.16 24.64
C ILE C 204 -10.16 -19.25 23.37
N LEU C 205 -9.65 -19.95 22.34
CA LEU C 205 -10.44 -20.17 21.13
C LEU C 205 -11.68 -21.02 21.40
N GLU C 206 -11.57 -22.04 22.24
CA GLU C 206 -12.73 -22.89 22.49
C GLU C 206 -13.80 -22.11 23.25
N GLY C 207 -13.40 -21.34 24.27
CA GLY C 207 -14.39 -20.53 24.97
C GLY C 207 -15.06 -19.53 24.06
N TRP C 208 -14.29 -18.96 23.12
CA TRP C 208 -14.85 -18.02 22.14
C TRP C 208 -15.83 -18.71 21.19
N LYS C 209 -15.50 -19.93 20.74
CA LYS C 209 -16.44 -20.64 19.89
C LYS C 209 -17.72 -20.97 20.65
N LYS C 210 -17.58 -21.35 21.93
CA LYS C 210 -18.73 -21.73 22.75
C LYS C 210 -19.62 -20.54 23.10
N ARG C 211 -19.03 -19.42 23.50
CA ARG C 211 -19.84 -18.27 23.87
C ARG C 211 -20.59 -17.71 22.65
N LEU C 212 -20.01 -17.85 21.45
CA LEU C 212 -20.70 -17.40 20.22
C LEU C 212 -21.93 -18.23 19.90
N GLU C 213 -22.04 -19.44 20.43
CA GLU C 213 -23.18 -20.33 20.18
C GLU C 213 -24.49 -19.74 20.67
N ASN C 214 -24.43 -18.69 21.50
CA ASN C 214 -25.59 -18.06 22.13
C ASN C 214 -25.44 -16.55 22.16
N ILE C 215 -24.79 -15.99 21.14
CA ILE C 215 -24.45 -14.56 21.17
C ILE C 215 -25.70 -13.69 21.09
N TRP C 216 -26.67 -14.10 20.27
CA TRP C 216 -27.85 -13.27 20.06
C TRP C 216 -28.74 -13.17 21.29
N ASP C 217 -28.54 -14.01 22.30
CA ASP C 217 -29.32 -14.03 23.54
C ASP C 217 -28.70 -13.22 24.67
N GLU C 218 -27.57 -12.57 24.45
CA GLU C 218 -26.88 -11.92 25.55
C GLU C 218 -27.45 -10.53 25.83
N THR C 219 -27.38 -10.13 27.08
CA THR C 219 -27.78 -8.78 27.42
C THR C 219 -26.75 -7.80 26.86
N PRO C 220 -27.17 -6.74 26.18
CA PRO C 220 -26.21 -5.70 25.78
C PRO C 220 -25.79 -4.84 26.97
N LEU C 221 -24.64 -4.20 26.78
CA LEU C 221 -24.11 -3.27 27.76
C LEU C 221 -25.08 -2.12 27.98
N TYR C 222 -25.01 -1.51 29.15
CA TYR C 222 -25.91 -0.44 29.50
C TYR C 222 -25.35 0.91 29.07
N PHE C 223 -26.17 1.66 28.34
CA PHE C 223 -25.87 3.04 27.98
C PHE C 223 -27.05 3.87 28.44
N ALA C 224 -26.78 5.14 28.76
CA ALA C 224 -27.89 6.02 29.13
C ALA C 224 -28.86 6.12 27.95
N PRO C 225 -30.14 5.83 28.14
CA PRO C 225 -31.09 5.93 27.03
C PRO C 225 -31.37 7.37 26.61
N SER C 226 -31.58 7.54 25.30
CA SER C 226 -31.76 8.86 24.73
C SER C 226 -33.01 9.53 25.26
N SER C 227 -33.94 8.76 25.81
CA SER C 227 -35.12 9.38 26.42
C SER C 227 -34.77 10.25 27.62
N LEU C 228 -33.54 10.18 28.13
CA LEU C 228 -33.17 11.04 29.24
C LEU C 228 -32.74 12.44 28.80
N PHE C 229 -32.73 12.75 27.50
CA PHE C 229 -32.12 13.98 27.02
C PHE C 229 -33.08 14.74 26.12
N ASP C 230 -32.98 16.07 26.17
CA ASP C 230 -33.75 16.98 25.32
C ASP C 230 -32.99 17.21 24.02
N LEU C 231 -33.32 16.42 23.01
CA LEU C 231 -32.53 16.32 21.78
C LEU C 231 -32.94 17.41 20.79
N ASN C 232 -32.60 18.65 21.14
CA ASN C 232 -32.83 19.81 20.28
C ASN C 232 -31.76 20.86 20.54
N PHE C 233 -31.48 21.68 19.53
CA PHE C 233 -30.41 22.67 19.67
C PHE C 233 -30.73 23.72 20.74
N GLN C 234 -31.98 23.79 21.22
CA GLN C 234 -32.39 24.82 22.17
C GLN C 234 -32.02 24.47 23.60
N ALA C 235 -32.04 23.18 23.95
CA ALA C 235 -31.61 22.76 25.26
C ALA C 235 -30.15 22.28 25.28
N GLY C 236 -29.44 22.36 24.15
CA GLY C 236 -28.06 21.94 24.18
C GLY C 236 -27.86 20.46 24.35
N PHE C 237 -28.88 19.65 24.09
CA PHE C 237 -28.83 18.18 24.22
C PHE C 237 -28.43 17.74 25.63
N LEU C 238 -28.79 18.55 26.62
CA LEU C 238 -28.54 18.22 28.02
C LEU C 238 -29.66 17.36 28.57
N MET C 239 -29.38 16.80 29.75
CA MET C 239 -30.35 15.98 30.44
C MET C 239 -31.57 16.81 30.79
N LYS C 240 -32.73 16.16 30.77
CA LYS C 240 -33.98 16.82 31.12
C LYS C 240 -33.94 17.25 32.57
N LYS C 241 -34.60 18.37 32.87
CA LYS C 241 -34.58 18.89 34.23
C LYS C 241 -35.10 17.87 35.23
N GLU C 242 -36.05 17.03 34.80
CA GLU C 242 -36.56 15.95 35.65
C GLU C 242 -35.50 14.89 35.93
N VAL C 243 -34.77 14.45 34.89
CA VAL C 243 -33.69 13.49 35.07
C VAL C 243 -32.58 14.08 35.92
N GLN C 244 -32.30 15.37 35.73
CA GLN C 244 -31.26 16.03 36.53
C GLN C 244 -31.63 16.07 38.01
N ASP C 245 -32.91 16.23 38.33
CA ASP C 245 -33.28 16.24 39.73
C ASP C 245 -33.11 14.86 40.37
N GLU C 246 -33.69 13.83 39.76
CA GLU C 246 -33.71 12.51 40.40
C GLU C 246 -32.34 11.86 40.48
N GLU C 247 -31.33 12.43 39.82
CA GLU C 247 -29.96 11.93 39.89
C GLU C 247 -29.12 12.68 40.91
N LYS C 248 -29.59 13.83 41.43
CA LYS C 248 -28.77 14.59 42.35
C LYS C 248 -28.39 13.78 43.58
N ASN C 249 -29.15 12.76 43.92
CA ASN C 249 -28.89 11.96 45.11
C ASN C 249 -28.38 10.56 44.84
N LYS C 250 -28.02 10.23 43.62
CA LYS C 250 -27.54 8.89 43.33
C LYS C 250 -26.03 8.85 43.52
N LYS C 251 -25.54 7.78 44.14
CA LYS C 251 -24.11 7.72 44.43
C LYS C 251 -23.32 7.40 43.17
N PHE C 252 -23.88 6.56 42.30
CA PHE C 252 -23.19 6.18 41.08
C PHE C 252 -23.75 6.98 39.89
N GLY C 253 -22.93 7.12 38.86
CA GLY C 253 -23.38 7.65 37.59
C GLY C 253 -24.13 6.62 36.78
N LEU C 254 -24.48 7.00 35.57
CA LEU C 254 -25.21 6.10 34.70
C LEU C 254 -24.26 5.18 33.94
N SER C 255 -23.28 5.77 33.27
CA SER C 255 -22.36 5.01 32.45
C SER C 255 -21.00 5.64 32.61
N VAL C 256 -20.07 5.24 31.75
CA VAL C 256 -18.71 5.76 31.82
C VAL C 256 -18.70 7.21 31.35
N GLY C 257 -19.31 7.50 30.19
CA GLY C 257 -19.39 8.87 29.73
C GLY C 257 -20.35 9.74 30.52
N HIS C 258 -21.42 9.14 31.06
CA HIS C 258 -22.35 9.91 31.88
C HIS C 258 -22.18 9.59 33.36
N HIS C 259 -20.94 9.67 33.84
CA HIS C 259 -20.67 9.43 35.25
C HIS C 259 -21.13 10.59 36.12
N LEU C 260 -21.36 11.77 35.54
CA LEU C 260 -21.93 12.93 36.24
C LEU C 260 -21.13 13.35 37.48
N GLY C 261 -19.81 13.13 37.48
CA GLY C 261 -18.99 13.43 38.65
C GLY C 261 -19.19 12.50 39.85
N LYS C 262 -19.69 11.29 39.62
CA LYS C 262 -19.95 10.26 40.62
C LYS C 262 -19.19 8.99 40.25
N SER C 263 -19.30 7.99 41.11
CA SER C 263 -18.65 6.71 40.85
C SER C 263 -19.26 6.00 39.63
N ILE C 264 -18.38 5.52 38.74
CA ILE C 264 -18.79 4.81 37.52
C ILE C 264 -19.33 3.42 37.88
N PRO C 265 -20.43 2.98 37.26
CA PRO C 265 -20.85 1.58 37.46
C PRO C 265 -19.76 0.62 37.01
N THR C 266 -19.48 -0.34 37.87
CA THR C 266 -18.36 -1.26 37.67
C THR C 266 -18.60 -2.07 36.40
N ASP C 267 -17.58 -2.11 35.54
CA ASP C 267 -17.62 -2.88 34.29
C ASP C 267 -18.79 -2.46 33.41
N ASN C 268 -19.04 -1.16 33.33
CA ASN C 268 -20.15 -0.68 32.51
C ASN C 268 -19.91 -0.96 31.03
N GLN C 269 -18.66 -0.83 30.58
CA GLN C 269 -18.31 -1.12 29.21
C GLN C 269 -17.77 -2.53 29.02
N ILE C 270 -17.76 -3.35 30.07
CA ILE C 270 -17.16 -4.67 30.02
C ILE C 270 -18.14 -5.77 30.39
N LYS C 271 -18.96 -5.56 31.43
CA LYS C 271 -19.98 -6.53 31.80
C LYS C 271 -21.37 -5.94 31.61
N ALA C 272 -22.29 -6.77 31.12
CA ALA C 272 -23.68 -6.37 31.11
C ALA C 272 -24.27 -6.64 32.50
N ARG C 273 -25.45 -6.10 32.74
CA ARG C 273 -26.04 -6.21 34.06
C ARG C 273 -27.29 -7.09 34.05
N ARG D 4 13.89 28.09 20.66
CA ARG D 4 13.08 26.92 21.01
C ARG D 4 12.23 26.48 19.83
N ARG D 5 12.13 25.18 19.61
CA ARG D 5 11.50 24.62 18.41
C ARG D 5 10.16 23.97 18.71
N ALA D 6 9.19 24.20 17.84
CA ALA D 6 7.85 23.64 17.98
C ALA D 6 7.57 22.77 16.77
N LEU D 7 6.72 21.76 16.95
CA LEU D 7 6.29 20.90 15.84
C LEU D 7 4.78 20.92 15.81
N ILE D 8 4.23 21.30 14.66
CA ILE D 8 2.80 21.37 14.47
C ILE D 8 2.39 20.26 13.52
N VAL D 9 1.56 19.34 13.99
CA VAL D 9 1.05 18.24 13.16
C VAL D 9 -0.40 18.54 12.79
N LEU D 10 -0.69 18.51 11.50
CA LEU D 10 -2.01 18.85 10.97
C LEU D 10 -2.62 17.65 10.26
N ALA D 11 -3.91 17.36 10.56
CA ALA D 11 -4.65 16.28 9.87
C ALA D 11 -5.95 16.87 9.28
N HIS D 12 -5.85 17.52 8.11
CA HIS D 12 -7.04 18.00 7.42
C HIS D 12 -6.77 18.14 5.92
N SER D 13 -7.74 17.69 5.11
CA SER D 13 -7.49 17.59 3.69
C SER D 13 -7.63 18.91 2.96
N GLU D 14 -8.24 19.92 3.56
CA GLU D 14 -8.55 21.17 2.86
C GLU D 14 -7.87 22.37 3.49
N ARG D 15 -7.12 23.13 2.68
CA ARG D 15 -6.54 24.40 3.12
C ARG D 15 -7.59 25.48 3.36
N THR D 16 -8.79 25.29 2.85
CA THR D 16 -9.87 26.25 3.08
C THR D 16 -10.54 26.09 4.43
N SER D 17 -10.09 25.17 5.26
CA SER D 17 -10.78 24.79 6.47
C SER D 17 -10.40 25.71 7.62
N PHE D 18 -11.25 25.75 8.64
CA PHE D 18 -10.87 26.49 9.83
C PHE D 18 -9.62 25.90 10.49
N ASN D 19 -9.44 24.58 10.44
CA ASN D 19 -8.26 23.95 11.02
C ASN D 19 -6.99 24.50 10.38
N TYR D 20 -6.97 24.61 9.06
CA TYR D 20 -5.79 25.15 8.39
C TYR D 20 -5.57 26.59 8.79
N ALA D 21 -6.64 27.31 9.10
CA ALA D 21 -6.45 28.66 9.63
C ALA D 21 -5.78 28.62 11.00
N MET D 22 -6.09 27.57 11.78
CA MET D 22 -5.52 27.41 13.11
C MET D 22 -4.05 26.99 13.05
N LYS D 23 -3.68 26.13 12.11
CA LYS D 23 -2.26 25.85 11.94
C LYS D 23 -1.51 27.11 11.55
N GLU D 24 -2.04 27.88 10.58
CA GLU D 24 -1.41 29.13 10.14
C GLU D 24 -1.33 30.14 11.29
N ALA D 25 -2.41 30.28 12.06
CA ALA D 25 -2.35 31.19 13.20
C ALA D 25 -1.27 30.76 14.19
N ALA D 26 -1.16 29.45 14.45
CA ALA D 26 -0.19 28.97 15.43
C ALA D 26 1.23 29.16 14.93
N ALA D 27 1.50 28.79 13.67
CA ALA D 27 2.83 28.96 13.14
C ALA D 27 3.22 30.43 13.15
N ALA D 28 2.25 31.32 12.88
CA ALA D 28 2.53 32.75 12.85
C ALA D 28 2.85 33.28 14.25
N ALA D 29 2.03 32.94 15.23
CA ALA D 29 2.24 33.48 16.57
C ALA D 29 3.55 32.99 17.16
N LEU D 30 3.91 31.74 16.89
CA LEU D 30 5.15 31.15 17.42
C LEU D 30 6.38 31.77 16.79
N LYS D 31 6.37 31.99 15.46
CA LYS D 31 7.50 32.64 14.81
C LYS D 31 7.69 34.06 15.34
N LYS D 32 6.59 34.78 15.54
CA LYS D 32 6.64 36.13 16.06
C LYS D 32 7.18 36.20 17.48
N LYS D 33 7.27 35.06 18.20
CA LYS D 33 7.92 35.00 19.50
C LYS D 33 9.28 34.29 19.45
N GLY D 34 9.87 34.13 18.26
CA GLY D 34 11.20 33.59 18.16
C GLY D 34 11.30 32.08 18.13
N TRP D 35 10.18 31.37 18.06
CA TRP D 35 10.21 29.93 17.90
C TRP D 35 10.59 29.56 16.48
N GLU D 36 11.25 28.42 16.33
CA GLU D 36 11.42 27.83 15.01
C GLU D 36 10.33 26.78 14.85
N VAL D 37 9.57 26.89 13.77
CA VAL D 37 8.36 26.09 13.58
C VAL D 37 8.58 25.16 12.39
N VAL D 38 8.44 23.85 12.63
CA VAL D 38 8.42 22.84 11.58
C VAL D 38 7.02 22.20 11.58
N GLU D 39 6.52 21.84 10.40
CA GLU D 39 5.14 21.36 10.26
C GLU D 39 5.11 19.92 9.78
N SER D 40 4.01 19.24 10.10
CA SER D 40 3.70 17.91 9.59
C SER D 40 2.26 17.99 9.08
N ASP D 41 2.11 18.32 7.80
CA ASP D 41 0.82 18.36 7.12
C ASP D 41 0.65 16.98 6.52
N LEU D 42 0.03 16.08 7.30
CA LEU D 42 0.05 14.65 6.96
C LEU D 42 -0.57 14.43 5.58
N TYR D 43 -1.70 15.11 5.31
CA TYR D 43 -2.38 14.97 4.02
C TYR D 43 -1.54 15.55 2.88
N ALA D 44 -0.84 16.66 3.14
CA ALA D 44 0.04 17.21 2.10
C ALA D 44 1.20 16.28 1.82
N MET D 45 1.71 15.62 2.86
CA MET D 45 2.78 14.65 2.73
C MET D 45 2.34 13.31 2.16
N ASN D 46 1.05 13.12 1.91
CA ASN D 46 0.51 11.83 1.47
C ASN D 46 0.95 10.74 2.44
N PHE D 47 0.79 11.03 3.72
CA PHE D 47 1.33 10.13 4.73
C PHE D 47 0.57 8.82 4.66
N ASN D 48 1.31 7.71 4.51
CA ASN D 48 0.72 6.38 4.50
C ASN D 48 0.67 5.90 5.95
N PRO D 49 -0.51 5.72 6.53
CA PRO D 49 -0.56 5.50 7.99
C PRO D 49 -0.66 4.04 8.43
N ILE D 50 -0.29 3.09 7.58
CA ILE D 50 -0.60 1.69 7.83
C ILE D 50 0.70 0.92 8.04
N ILE D 51 0.86 0.41 9.27
CA ILE D 51 2.01 -0.39 9.63
C ILE D 51 2.08 -1.64 8.80
N SER D 52 3.27 -1.97 8.31
CA SER D 52 3.44 -3.20 7.56
C SER D 52 4.87 -3.66 7.67
N ARG D 53 5.13 -4.83 7.07
CA ARG D 53 6.48 -5.37 6.99
C ARG D 53 7.39 -4.55 6.11
N LYS D 54 6.84 -3.67 5.25
CA LYS D 54 7.65 -2.79 4.43
C LYS D 54 8.17 -1.56 5.19
N ASP D 55 7.72 -1.33 6.43
CA ASP D 55 8.39 -0.36 7.29
C ASP D 55 9.82 -0.77 7.64
N ILE D 56 10.16 -2.03 7.45
CA ILE D 56 11.52 -2.52 7.61
C ILE D 56 12.15 -2.59 6.24
N THR D 57 13.31 -1.97 6.06
CA THR D 57 13.82 -1.82 4.70
C THR D 57 14.23 -3.17 4.14
N GLY D 58 15.09 -3.91 4.84
CA GLY D 58 15.65 -5.16 4.36
C GLY D 58 14.94 -6.39 4.89
N LYS D 59 15.74 -7.43 5.17
CA LYS D 59 15.22 -8.71 5.62
C LYS D 59 14.74 -8.65 7.07
N LEU D 60 13.71 -9.46 7.34
CA LEU D 60 13.10 -9.59 8.66
C LEU D 60 13.78 -10.67 9.48
N LYS D 61 13.79 -10.48 10.80
CA LYS D 61 14.38 -11.48 11.68
C LYS D 61 13.58 -12.77 11.66
N ASP D 62 12.26 -12.68 11.83
CA ASP D 62 11.39 -13.85 11.90
C ASP D 62 10.23 -13.67 10.92
N PRO D 63 10.50 -13.77 9.61
CA PRO D 63 9.44 -13.49 8.61
C PRO D 63 8.29 -14.47 8.66
N ALA D 64 8.55 -15.73 8.99
CA ALA D 64 7.50 -16.74 8.94
C ALA D 64 6.41 -16.46 9.98
N ASN D 65 6.75 -15.73 11.05
CA ASN D 65 5.76 -15.32 12.04
C ASN D 65 6.02 -13.84 12.35
N PHE D 66 5.56 -12.98 11.46
CA PHE D 66 5.89 -11.56 11.51
C PHE D 66 5.23 -10.89 12.72
N GLN D 67 6.01 -10.12 13.49
CA GLN D 67 5.53 -9.43 14.70
C GLN D 67 6.00 -7.98 14.68
N TYR D 68 5.11 -7.03 14.38
CA TYR D 68 5.56 -5.66 14.15
C TYR D 68 6.30 -5.00 15.33
N PRO D 69 5.90 -5.13 16.61
CA PRO D 69 6.71 -4.46 17.65
C PRO D 69 8.17 -4.93 17.68
N ALA D 70 8.42 -6.24 17.78
CA ALA D 70 9.80 -6.71 17.82
C ALA D 70 10.52 -6.42 16.51
N GLU D 71 9.84 -6.62 15.39
CA GLU D 71 10.50 -6.44 14.11
C GLU D 71 10.84 -4.97 13.86
N SER D 72 9.96 -4.05 14.29
CA SER D 72 10.22 -2.63 14.09
C SER D 72 11.27 -2.08 15.05
N VAL D 73 11.34 -2.58 16.28
CA VAL D 73 12.39 -2.13 17.20
C VAL D 73 13.75 -2.56 16.68
N LEU D 74 13.87 -3.81 16.23
CA LEU D 74 15.13 -4.25 15.62
C LEU D 74 15.53 -3.36 14.45
N ALA D 75 14.55 -2.95 13.62
CA ALA D 75 14.80 -2.01 12.54
C ALA D 75 15.26 -0.64 13.04
N TYR D 76 14.79 -0.21 14.21
CA TYR D 76 15.23 1.07 14.75
C TYR D 76 16.68 0.98 15.18
N LYS D 77 17.02 -0.08 15.90
CA LYS D 77 18.39 -0.28 16.37
C LYS D 77 19.36 -0.50 15.22
N GLU D 78 18.92 -1.18 14.16
CA GLU D 78 19.74 -1.47 12.97
C GLU D 78 19.71 -0.38 11.90
N GLY D 79 18.86 0.63 12.05
CA GLY D 79 18.76 1.63 10.99
C GLY D 79 18.06 1.12 9.75
N HIS D 80 17.00 0.31 9.94
CA HIS D 80 16.22 -0.25 8.84
C HIS D 80 14.75 0.17 8.92
N LEU D 81 14.47 1.34 9.49
CA LEU D 81 13.13 1.89 9.40
C LEU D 81 12.93 2.61 8.07
N SER D 82 11.68 2.56 7.58
CA SER D 82 11.37 3.22 6.32
C SER D 82 11.70 4.71 6.45
N PRO D 83 12.47 5.29 5.53
CA PRO D 83 12.96 6.68 5.70
C PRO D 83 11.91 7.71 6.02
N ASP D 84 10.66 7.54 5.57
CA ASP D 84 9.61 8.45 6.00
C ASP D 84 9.37 8.38 7.52
N ILE D 85 9.51 7.20 8.12
CA ILE D 85 9.36 7.10 9.56
C ILE D 85 10.50 7.84 10.27
N VAL D 86 11.72 7.73 9.75
CA VAL D 86 12.86 8.38 10.39
C VAL D 86 12.68 9.89 10.39
N ALA D 87 12.38 10.47 9.22
CA ALA D 87 12.26 11.93 9.12
C ALA D 87 11.25 12.48 10.11
N GLU D 88 10.10 11.79 10.25
CA GLU D 88 9.11 12.24 11.21
C GLU D 88 9.65 12.11 12.63
N GLN D 89 10.33 10.99 12.93
CA GLN D 89 10.96 10.82 14.23
C GLN D 89 12.02 11.88 14.47
N LYS D 90 12.75 12.29 13.43
CA LYS D 90 13.74 13.34 13.60
C LYS D 90 13.11 14.67 13.99
N LYS D 91 11.95 15.00 13.40
CA LYS D 91 11.26 16.23 13.79
C LYS D 91 10.85 16.16 15.24
N LEU D 92 10.46 14.97 15.69
CA LEU D 92 10.11 14.78 17.08
C LEU D 92 11.31 14.97 17.99
N GLU D 93 12.45 14.38 17.61
CA GLU D 93 13.65 14.53 18.43
C GLU D 93 14.00 16.00 18.60
N ALA D 94 13.89 16.80 17.52
CA ALA D 94 14.28 18.19 17.58
C ALA D 94 13.32 19.07 18.35
N ALA D 95 12.03 18.74 18.37
CA ALA D 95 11.02 19.69 18.83
C ALA D 95 10.86 19.71 20.34
N ASP D 96 10.64 20.89 20.89
CA ASP D 96 10.32 21.06 22.30
C ASP D 96 8.82 21.03 22.53
N LEU D 97 8.06 21.78 21.76
CA LEU D 97 6.61 21.77 21.83
C LEU D 97 6.04 21.07 20.61
N VAL D 98 5.05 20.21 20.82
CA VAL D 98 4.37 19.53 19.73
C VAL D 98 2.89 19.86 19.83
N ILE D 99 2.34 20.45 18.77
CA ILE D 99 0.93 20.84 18.69
C ILE D 99 0.25 19.95 17.68
N PHE D 100 -0.88 19.38 18.08
CA PHE D 100 -1.69 18.51 17.22
C PHE D 100 -2.95 19.24 16.85
N GLN D 101 -3.06 19.67 15.60
CA GLN D 101 -4.25 20.37 15.13
C GLN D 101 -5.11 19.42 14.30
N PHE D 102 -6.32 19.16 14.77
CA PHE D 102 -7.14 18.23 14.00
C PHE D 102 -8.61 18.44 14.33
N PRO D 103 -9.51 18.10 13.40
CA PRO D 103 -10.93 17.97 13.72
C PRO D 103 -11.20 16.65 14.42
N LEU D 104 -11.97 16.71 15.49
CA LEU D 104 -12.43 15.48 16.12
C LEU D 104 -13.19 14.63 15.10
N GLN D 105 -12.83 13.35 14.97
CA GLN D 105 -13.52 12.48 14.01
C GLN D 105 -13.83 11.15 14.67
N TRP D 106 -15.13 10.83 14.80
CA TRP D 106 -15.57 9.60 15.47
C TRP D 106 -14.89 9.45 16.83
N PHE D 107 -14.88 10.56 17.58
CA PHE D 107 -14.46 10.64 18.98
C PHE D 107 -12.99 10.30 19.17
N GLY D 108 -12.18 10.40 18.13
CA GLY D 108 -10.74 10.21 18.24
C GLY D 108 -9.93 10.93 17.17
N VAL D 109 -8.67 10.56 16.99
CA VAL D 109 -7.87 11.21 15.96
C VAL D 109 -8.26 10.65 14.60
N PRO D 110 -8.10 11.39 13.51
CA PRO D 110 -8.36 10.82 12.18
C PRO D 110 -7.46 9.62 11.90
N ALA D 111 -7.92 8.77 10.99
CA ALA D 111 -7.11 7.63 10.62
C ALA D 111 -5.71 8.06 10.18
N ILE D 112 -5.59 9.20 9.50
CA ILE D 112 -4.24 9.54 9.04
C ILE D 112 -3.35 9.91 10.24
N LEU D 113 -3.91 10.56 11.29
CA LEU D 113 -3.08 10.84 12.46
C LEU D 113 -2.90 9.61 13.36
N LYS D 114 -3.89 8.72 13.43
CA LYS D 114 -3.72 7.50 14.21
C LYS D 114 -2.57 6.67 13.69
N GLY D 115 -2.45 6.55 12.36
CA GLY D 115 -1.37 5.77 11.79
C GLY D 115 -0.02 6.45 11.93
N TRP D 116 0.02 7.78 11.93
CA TRP D 116 1.26 8.48 12.24
C TRP D 116 1.85 7.95 13.54
N PHE D 117 1.06 7.94 14.62
CA PHE D 117 1.54 7.41 15.91
C PHE D 117 2.01 5.95 15.76
N GLU D 118 1.21 5.11 15.10
CA GLU D 118 1.48 3.68 15.03
C GLU D 118 2.75 3.40 14.24
N ARG D 119 3.07 4.22 13.24
CA ARG D 119 4.27 4.03 12.44
C ARG D 119 5.48 4.78 12.95
N VAL D 120 5.29 5.80 13.78
CA VAL D 120 6.38 6.68 14.19
C VAL D 120 6.75 6.47 15.65
N PHE D 121 5.75 6.31 16.52
CA PHE D 121 6.03 5.97 17.93
C PHE D 121 6.37 4.49 18.03
N ILE D 122 7.52 4.15 17.47
CA ILE D 122 8.03 2.80 17.52
C ILE D 122 8.74 2.60 18.85
N GLY D 123 8.73 1.35 19.33
CA GLY D 123 9.32 0.97 20.59
C GLY D 123 10.74 1.45 20.82
N GLU D 124 11.02 1.85 22.08
CA GLU D 124 12.29 2.39 22.52
C GLU D 124 12.55 3.81 22.02
N PHE D 125 12.20 4.13 20.77
CA PHE D 125 12.31 5.52 20.34
C PHE D 125 11.31 6.37 21.10
N ALA D 126 10.08 5.89 21.21
CA ALA D 126 9.01 6.68 21.81
C ALA D 126 8.61 6.19 23.19
N TYR D 127 8.76 4.89 23.49
CA TYR D 127 8.38 4.30 24.77
C TYR D 127 9.21 3.04 25.02
N THR D 128 9.46 2.75 26.30
CA THR D 128 9.90 1.41 26.74
C THR D 128 9.15 1.05 28.01
N TYR D 129 8.97 -0.27 28.23
CA TYR D 129 8.41 -0.71 29.51
C TYR D 129 9.38 -0.51 30.66
N ALA D 130 10.65 -0.23 30.37
CA ALA D 130 11.60 0.20 31.38
C ALA D 130 11.47 1.69 31.70
N ALA D 131 10.78 2.47 30.85
CA ALA D 131 10.62 3.92 31.02
C ALA D 131 9.28 4.33 30.40
N MET D 132 8.22 4.26 31.21
CA MET D 132 6.89 4.61 30.75
C MET D 132 6.30 5.75 31.57
N TYR D 133 5.39 6.49 30.93
CA TYR D 133 4.72 7.70 31.43
C TYR D 133 5.81 8.70 31.80
N ASP D 134 5.90 9.20 33.04
CA ASP D 134 6.82 10.32 33.24
C ASP D 134 8.29 9.97 32.95
N LYS D 135 8.67 8.71 32.85
CA LYS D 135 10.06 8.43 32.52
C LYS D 135 10.30 8.21 31.03
N GLY D 136 9.28 8.36 30.19
CA GLY D 136 9.37 8.10 28.77
C GLY D 136 10.32 9.07 28.09
N PRO D 137 10.76 8.70 26.89
CA PRO D 137 11.77 9.51 26.19
C PRO D 137 11.38 10.96 25.96
N PHE D 138 10.09 11.30 25.94
CA PHE D 138 9.68 12.66 25.63
C PHE D 138 9.45 13.49 26.89
N ARG D 139 10.03 13.08 28.01
CA ARG D 139 9.70 13.67 29.30
C ARG D 139 10.09 15.14 29.40
N SER D 140 11.00 15.62 28.54
CA SER D 140 11.37 17.02 28.50
C SER D 140 10.53 17.84 27.54
N LYS D 141 9.60 17.21 26.85
CA LYS D 141 8.81 17.88 25.82
C LYS D 141 7.41 18.09 26.35
N LYS D 142 6.75 19.13 25.82
CA LYS D 142 5.38 19.47 26.17
C LYS D 142 4.52 19.38 24.93
N ALA D 143 3.30 18.88 25.09
CA ALA D 143 2.43 18.66 23.95
C ALA D 143 1.02 19.13 24.26
N VAL D 144 0.33 19.64 23.25
CA VAL D 144 -1.02 20.16 23.41
C VAL D 144 -1.84 19.72 22.21
N LEU D 145 -3.09 19.40 22.47
CA LEU D 145 -4.07 19.07 21.43
C LEU D 145 -4.90 20.31 21.18
N SER D 146 -5.18 20.60 19.91
CA SER D 146 -6.16 21.62 19.53
C SER D 146 -7.22 20.99 18.63
N ILE D 147 -8.43 20.87 19.13
CA ILE D 147 -9.46 20.04 18.53
C ILE D 147 -10.61 20.93 18.12
N THR D 148 -11.14 20.69 16.92
CA THR D 148 -12.36 21.32 16.40
C THR D 148 -13.44 20.25 16.27
N THR D 149 -14.65 20.54 16.78
CA THR D 149 -15.76 19.59 16.78
C THR D 149 -16.94 20.14 16.00
N GLY D 150 -17.73 19.23 15.41
CA GLY D 150 -19.04 19.63 14.91
C GLY D 150 -20.04 19.97 16.02
N GLY D 151 -20.10 19.14 17.07
CA GLY D 151 -21.06 19.34 18.14
C GLY D 151 -20.64 20.39 19.16
N SER D 152 -21.62 20.87 19.92
CA SER D 152 -21.47 21.96 20.87
C SER D 152 -20.89 21.50 22.20
N GLY D 153 -20.38 22.46 22.97
CA GLY D 153 -19.79 22.14 24.25
C GLY D 153 -20.74 21.46 25.24
N SER D 154 -22.03 21.82 25.21
CA SER D 154 -22.97 21.16 26.12
C SER D 154 -23.14 19.68 25.77
N MET D 155 -23.13 19.34 24.46
CA MET D 155 -23.22 17.93 24.07
C MET D 155 -22.13 17.09 24.70
N TYR D 156 -20.98 17.70 24.97
CA TYR D 156 -19.83 17.03 25.59
C TYR D 156 -19.67 17.42 27.04
N SER D 157 -20.67 18.02 27.66
CA SER D 157 -20.53 18.28 29.09
C SER D 157 -20.94 17.04 29.88
N LEU D 158 -20.89 17.17 31.21
CA LEU D 158 -21.27 16.06 32.07
C LEU D 158 -22.69 15.60 31.76
N GLN D 159 -23.59 16.52 31.38
CA GLN D 159 -24.95 16.15 31.02
C GLN D 159 -25.16 15.98 29.52
N GLY D 160 -24.14 16.14 28.70
CA GLY D 160 -24.36 16.06 27.28
C GLY D 160 -24.57 14.65 26.77
N ILE D 161 -25.36 14.56 25.70
CA ILE D 161 -25.74 13.27 25.13
C ILE D 161 -24.51 12.46 24.73
N HIS D 162 -23.40 13.13 24.42
CA HIS D 162 -22.20 12.42 24.04
C HIS D 162 -21.36 12.02 25.24
N GLY D 163 -21.57 12.65 26.38
CA GLY D 163 -20.83 12.32 27.58
C GLY D 163 -19.53 13.10 27.69
N ASP D 164 -18.97 13.06 28.91
CA ASP D 164 -17.85 13.92 29.28
C ASP D 164 -16.73 13.93 28.25
N MET D 165 -16.23 15.14 27.94
CA MET D 165 -15.11 15.26 27.01
C MET D 165 -13.83 14.69 27.61
N ASN D 166 -13.75 14.69 28.94
CA ASN D 166 -12.57 14.19 29.62
C ASN D 166 -12.36 12.71 29.37
N VAL D 167 -13.45 11.95 29.25
CA VAL D 167 -13.31 10.54 28.97
C VAL D 167 -12.92 10.32 27.51
N ILE D 168 -13.28 11.25 26.63
CA ILE D 168 -12.88 11.11 25.23
C ILE D 168 -11.42 11.50 25.04
N LEU D 169 -10.89 12.38 25.89
CA LEU D 169 -9.49 12.78 25.79
C LEU D 169 -8.53 11.77 26.38
N TRP D 170 -8.98 10.97 27.36
CA TRP D 170 -8.06 10.12 28.11
C TRP D 170 -7.27 9.15 27.23
N PRO D 171 -7.88 8.41 26.29
CA PRO D 171 -7.07 7.49 25.46
C PRO D 171 -5.96 8.16 24.67
N ILE D 172 -6.11 9.43 24.32
CA ILE D 172 -5.10 10.11 23.51
C ILE D 172 -4.06 10.77 24.38
N GLN D 173 -4.48 11.60 25.35
CA GLN D 173 -3.51 12.36 26.12
C GLN D 173 -2.72 11.48 27.07
N SER D 174 -3.35 10.45 27.63
CA SER D 174 -2.68 9.53 28.55
C SER D 174 -2.07 8.34 27.83
N GLY D 175 -2.85 7.63 27.04
CA GLY D 175 -2.36 6.41 26.43
C GLY D 175 -1.32 6.67 25.35
N ILE D 176 -1.52 7.69 24.52
CA ILE D 176 -0.60 7.97 23.46
C ILE D 176 0.43 9.02 23.87
N LEU D 177 -0.02 10.13 24.46
CA LEU D 177 0.94 11.21 24.69
C LEU D 177 1.74 10.97 25.96
N HIS D 178 1.07 10.88 27.13
CA HIS D 178 1.84 10.79 28.36
C HIS D 178 2.63 9.48 28.45
N PHE D 179 2.08 8.39 27.92
CA PHE D 179 2.80 7.12 27.95
C PHE D 179 4.19 7.27 27.34
N CYS D 180 4.31 8.09 26.30
CA CYS D 180 5.64 8.34 25.76
C CYS D 180 6.40 9.40 26.54
N GLY D 181 5.83 9.98 27.59
CA GLY D 181 6.55 10.93 28.43
C GLY D 181 6.15 12.37 28.31
N PHE D 182 5.31 12.74 27.33
CA PHE D 182 4.93 14.14 27.17
C PHE D 182 4.29 14.67 28.45
N GLN D 183 4.59 15.92 28.78
CA GLN D 183 3.78 16.69 29.70
C GLN D 183 2.68 17.32 28.85
N VAL D 184 1.43 16.90 29.07
CA VAL D 184 0.33 17.36 28.23
C VAL D 184 -0.28 18.63 28.83
N LEU D 185 -0.35 19.67 27.99
CA LEU D 185 -0.89 20.97 28.35
C LEU D 185 -2.40 20.98 28.12
N GLU D 186 -3.07 21.95 28.75
CA GLU D 186 -4.51 22.05 28.57
C GLU D 186 -4.82 22.08 27.07
N PRO D 187 -5.72 21.24 26.58
CA PRO D 187 -6.08 21.29 25.16
C PRO D 187 -6.81 22.58 24.80
N GLN D 188 -6.76 22.90 23.51
CA GLN D 188 -7.51 24.03 22.94
C GLN D 188 -8.79 23.47 22.32
N LEU D 189 -9.92 23.74 22.97
CA LEU D 189 -11.19 23.14 22.59
C LEU D 189 -12.07 24.19 21.92
N THR D 190 -12.29 24.02 20.62
CA THR D 190 -13.11 24.92 19.81
C THR D 190 -14.34 24.14 19.37
N TYR D 191 -15.42 24.28 20.14
CA TYR D 191 -16.65 23.59 19.84
C TYR D 191 -17.49 24.38 18.84
N SER D 192 -18.45 23.70 18.22
CA SER D 192 -19.45 24.31 17.35
C SER D 192 -18.83 25.10 16.21
N ILE D 193 -17.59 24.79 15.81
CA ILE D 193 -17.10 25.37 14.58
C ILE D 193 -18.02 24.82 13.51
N GLY D 194 -18.27 25.60 12.47
CA GLY D 194 -19.28 25.24 11.51
C GLY D 194 -20.66 25.77 11.80
N HIS D 195 -20.93 26.12 13.06
CA HIS D 195 -22.07 26.93 13.48
C HIS D 195 -21.61 28.21 14.15
N THR D 196 -20.53 28.82 13.64
CA THR D 196 -19.90 29.95 14.32
C THR D 196 -19.86 31.19 13.43
N PRO D 197 -20.35 32.34 13.89
CA PRO D 197 -20.35 33.54 13.06
C PRO D 197 -18.93 34.02 12.78
N ALA D 198 -18.78 34.72 11.66
CA ALA D 198 -17.45 35.11 11.21
C ALA D 198 -16.72 35.98 12.23
N ASP D 199 -17.45 36.83 12.95
CA ASP D 199 -16.71 37.70 13.84
C ASP D 199 -16.21 36.95 15.07
N ALA D 200 -16.85 35.85 15.43
CA ALA D 200 -16.35 35.02 16.51
C ALA D 200 -15.21 34.11 16.07
N ARG D 201 -15.23 33.65 14.82
CA ARG D 201 -14.11 32.86 14.33
C ARG D 201 -12.79 33.62 14.46
N ILE D 202 -12.82 34.94 14.26
CA ILE D 202 -11.64 35.79 14.41
C ILE D 202 -11.12 35.77 15.83
N GLN D 203 -12.01 35.86 16.82
CA GLN D 203 -11.56 35.85 18.20
C GLN D 203 -10.97 34.50 18.59
N ILE D 204 -11.47 33.42 17.99
CA ILE D 204 -10.89 32.11 18.27
C ILE D 204 -9.47 32.03 17.74
N LEU D 205 -9.23 32.55 16.54
CA LEU D 205 -7.87 32.55 15.99
C LEU D 205 -6.95 33.42 16.84
N GLU D 206 -7.47 34.55 17.31
CA GLU D 206 -6.65 35.49 18.07
C GLU D 206 -6.32 34.95 19.44
N GLY D 207 -7.32 34.36 20.11
CA GLY D 207 -7.09 33.82 21.44
C GLY D 207 -6.06 32.70 21.42
N TRP D 208 -6.11 31.87 20.40
CA TRP D 208 -5.10 30.83 20.25
C TRP D 208 -3.73 31.48 20.05
N LYS D 209 -3.66 32.56 19.27
CA LYS D 209 -2.40 33.29 19.12
C LYS D 209 -1.96 33.94 20.44
N LYS D 210 -2.89 34.48 21.22
CA LYS D 210 -2.49 35.08 22.48
C LYS D 210 -2.01 34.03 23.47
N ARG D 211 -2.74 32.92 23.60
CA ARG D 211 -2.31 31.87 24.52
C ARG D 211 -0.95 31.34 24.12
N LEU D 212 -0.69 31.24 22.83
CA LEU D 212 0.59 30.75 22.37
C LEU D 212 1.74 31.67 22.75
N GLU D 213 1.47 32.92 23.15
CA GLU D 213 2.60 33.79 23.50
C GLU D 213 3.37 33.30 24.72
N ASN D 214 2.75 32.45 25.54
CA ASN D 214 3.37 31.93 26.77
C ASN D 214 2.96 30.50 27.00
N ILE D 215 2.81 29.72 25.93
CA ILE D 215 2.33 28.35 26.10
C ILE D 215 3.33 27.52 26.92
N TRP D 216 4.64 27.77 26.78
CA TRP D 216 5.65 27.02 27.51
C TRP D 216 5.70 27.37 29.00
N ASP D 217 5.05 28.45 29.43
CA ASP D 217 4.98 28.78 30.86
C ASP D 217 3.77 28.19 31.56
N GLU D 218 2.92 27.44 30.87
CA GLU D 218 1.69 26.96 31.46
C GLU D 218 1.94 25.66 32.22
N THR D 219 1.16 25.46 33.27
CA THR D 219 1.21 24.21 34.01
C THR D 219 0.59 23.08 33.18
N PRO D 220 1.18 21.90 33.17
CA PRO D 220 0.55 20.76 32.48
C PRO D 220 -0.62 20.18 33.26
N LEU D 221 -1.44 19.42 32.53
CA LEU D 221 -2.48 18.60 33.14
C LEU D 221 -1.84 17.63 34.12
N TYR D 222 -2.62 17.18 35.13
CA TYR D 222 -2.11 16.26 36.14
C TYR D 222 -2.38 14.80 35.76
N PHE D 223 -1.35 13.98 35.84
CA PHE D 223 -1.49 12.53 35.72
C PHE D 223 -0.86 11.86 36.93
N ALA D 224 -1.35 10.68 37.26
CA ALA D 224 -0.79 9.94 38.39
C ALA D 224 0.68 9.60 38.16
N PRO D 225 1.59 10.06 39.00
CA PRO D 225 3.02 9.77 38.78
C PRO D 225 3.35 8.30 38.94
N SER D 226 4.32 7.83 38.15
CA SER D 226 4.63 6.40 38.14
C SER D 226 5.17 5.92 39.48
N SER D 227 5.59 6.87 40.34
CA SER D 227 6.11 6.49 41.66
C SER D 227 5.06 5.83 42.54
N LEU D 228 3.78 5.96 42.22
CA LEU D 228 2.72 5.35 43.02
C LEU D 228 2.50 3.88 42.70
N PHE D 229 3.28 3.30 41.80
CA PHE D 229 2.98 1.99 41.25
C PHE D 229 4.18 1.07 41.31
N ASP D 230 3.91 -0.22 41.45
CA ASP D 230 4.92 -1.27 41.45
C ASP D 230 5.13 -1.75 40.02
N LEU D 231 6.11 -1.16 39.36
CA LEU D 231 6.26 -1.33 37.92
C LEU D 231 7.09 -2.59 37.61
N ASN D 232 6.51 -3.74 37.94
CA ASN D 232 7.13 -5.04 37.66
C ASN D 232 6.05 -6.09 37.42
N PHE D 233 6.41 -7.12 36.64
CA PHE D 233 5.46 -8.18 36.25
C PHE D 233 4.97 -9.03 37.43
N GLN D 234 5.65 -8.98 38.59
CA GLN D 234 5.28 -9.80 39.74
C GLN D 234 4.21 -9.13 40.58
N ALA D 235 4.23 -7.80 40.62
CA ALA D 235 3.21 -6.98 41.27
C ALA D 235 2.12 -6.54 40.30
N GLY D 236 2.19 -7.00 39.05
CA GLY D 236 1.17 -6.76 38.04
C GLY D 236 1.05 -5.33 37.56
N PHE D 237 2.06 -4.48 37.80
CA PHE D 237 2.03 -3.04 37.49
C PHE D 237 0.88 -2.34 38.19
N LEU D 238 0.50 -2.86 39.35
CA LEU D 238 -0.56 -2.32 40.18
C LEU D 238 -0.03 -1.23 41.12
N MET D 239 -0.95 -0.51 41.75
CA MET D 239 -0.55 0.49 42.74
C MET D 239 0.10 -0.19 43.92
N LYS D 240 1.00 0.54 44.57
CA LYS D 240 1.60 0.06 45.81
C LYS D 240 0.53 -0.05 46.89
N LYS D 241 0.72 -1.02 47.80
CA LYS D 241 -0.21 -1.20 48.93
C LYS D 241 -0.32 0.07 49.77
N GLU D 242 0.80 0.77 49.96
CA GLU D 242 0.79 2.01 50.74
C GLU D 242 0.03 3.13 50.01
N VAL D 243 0.18 3.23 48.69
CA VAL D 243 -0.55 4.25 47.92
C VAL D 243 -2.04 3.97 47.98
N GLN D 244 -2.43 2.69 47.86
CA GLN D 244 -3.82 2.30 47.98
C GLN D 244 -4.31 2.58 49.40
N ASP D 245 -3.42 2.43 50.38
CA ASP D 245 -3.77 2.75 51.76
C ASP D 245 -4.08 4.23 51.90
N GLU D 246 -3.16 5.09 51.43
CA GLU D 246 -3.26 6.53 51.63
C GLU D 246 -4.40 7.16 50.84
N GLU D 247 -5.03 6.44 49.92
CA GLU D 247 -6.13 7.00 49.14
C GLU D 247 -7.51 6.72 49.72
N LYS D 248 -7.63 5.75 50.63
CA LYS D 248 -8.94 5.33 51.13
C LYS D 248 -9.69 6.46 51.82
N ASN D 249 -8.99 7.51 52.26
CA ASN D 249 -9.63 8.65 52.89
C ASN D 249 -9.70 9.87 51.97
N LYS D 250 -9.40 9.68 50.68
CA LYS D 250 -9.48 10.72 49.67
C LYS D 250 -10.78 10.59 48.88
N LYS D 251 -11.36 11.76 48.58
CA LYS D 251 -12.68 11.91 47.95
C LYS D 251 -12.68 11.59 46.46
N PHE D 252 -11.68 12.05 45.72
CA PHE D 252 -11.63 11.88 44.27
C PHE D 252 -10.54 10.89 43.88
N GLY D 253 -10.68 10.35 42.67
CA GLY D 253 -9.59 9.57 42.11
C GLY D 253 -8.46 10.52 41.76
N LEU D 254 -7.45 9.96 41.10
CA LEU D 254 -6.33 10.79 40.65
C LEU D 254 -6.60 11.41 39.28
N SER D 255 -7.02 10.60 38.33
CA SER D 255 -7.22 11.05 36.97
C SER D 255 -8.46 10.36 36.40
N VAL D 256 -8.61 10.47 35.09
CA VAL D 256 -9.77 9.89 34.41
C VAL D 256 -9.68 8.37 34.36
N GLY D 257 -8.51 7.84 33.96
CA GLY D 257 -8.29 6.40 33.96
C GLY D 257 -8.07 5.80 35.34
N HIS D 258 -7.58 6.60 36.29
CA HIS D 258 -7.39 6.19 37.68
C HIS D 258 -8.46 6.81 38.57
N HIS D 259 -9.74 6.57 38.21
CA HIS D 259 -10.84 7.07 39.03
C HIS D 259 -11.00 6.30 40.31
N LEU D 260 -10.48 5.06 40.37
CA LEU D 260 -10.50 4.21 41.55
C LEU D 260 -11.92 4.01 42.10
N GLY D 261 -12.91 3.96 41.20
CA GLY D 261 -14.31 3.87 41.58
C GLY D 261 -14.86 5.08 42.30
N LYS D 262 -14.20 6.23 42.19
CA LYS D 262 -14.66 7.44 42.85
C LYS D 262 -14.94 8.53 41.83
N SER D 263 -15.39 9.68 42.32
CA SER D 263 -15.64 10.82 41.45
C SER D 263 -14.34 11.30 40.82
N ILE D 264 -14.38 11.52 39.50
CA ILE D 264 -13.22 12.03 38.77
C ILE D 264 -12.98 13.49 39.14
N PRO D 265 -11.76 13.92 39.41
CA PRO D 265 -11.51 15.34 39.63
C PRO D 265 -11.95 16.16 38.42
N THR D 266 -12.49 17.35 38.70
CA THR D 266 -13.09 18.17 37.65
C THR D 266 -12.07 18.61 36.60
N ASP D 267 -12.39 18.33 35.34
CA ASP D 267 -11.59 18.74 34.20
C ASP D 267 -10.15 18.24 34.31
N ASN D 268 -9.99 16.99 34.72
CA ASN D 268 -8.64 16.48 34.88
C ASN D 268 -7.93 16.41 33.54
N GLN D 269 -8.67 16.15 32.46
CA GLN D 269 -8.11 16.11 31.10
C GLN D 269 -8.29 17.41 30.31
N ILE D 270 -8.80 18.48 30.93
CA ILE D 270 -9.15 19.70 30.21
C ILE D 270 -8.51 20.94 30.81
N LYS D 271 -8.54 21.04 32.15
CA LYS D 271 -7.98 22.17 32.89
C LYS D 271 -6.83 21.69 33.75
N ALA D 272 -5.81 22.53 33.89
CA ALA D 272 -4.71 22.26 34.81
C ALA D 272 -5.08 22.70 36.23
N ARG D 273 -4.12 22.48 37.15
CA ARG D 273 -4.23 22.71 38.58
C ARG D 273 -4.56 24.16 38.95
#